data_1MAB
#
_entry.id   1MAB
#
_cell.length_a   143.670
_cell.length_b   143.670
_cell.length_c   361.150
_cell.angle_alpha   90.00
_cell.angle_beta   90.00
_cell.angle_gamma   120.00
#
_symmetry.space_group_name_H-M   'H 3 2'
#
loop_
_entity.id
_entity.type
_entity.pdbx_description
1 polymer 'PROTEIN (F1-ATPASE ALPHA CHAIN)'
2 polymer 'PROTEIN (F1-ATPASE BETA CHAIN)'
3 polymer 'PROTEIN (F1-ATPASE GAMMA CHAIN)'
4 non-polymer 'MAGNESIUM ION'
5 non-polymer "ADENOSINE-5'-TRIPHOSPHATE"
6 non-polymer 'PHOSPHATE ION'
7 non-polymer "ADENOSINE-5'-DIPHOSPHATE"
8 water water
#
loop_
_entity_poly.entity_id
_entity_poly.type
_entity_poly.pdbx_seq_one_letter_code
_entity_poly.pdbx_strand_id
1 'polypeptide(L)'
;QKTGTAEMSSILEERILGADTSVDLEETGRVLSIGDGIARVHGLRNVQAEEMVEFSSGLKGMSLNLEPDNVGVVVFGNDK
LIKEGDIVKRTGAIVDVPVGDELLGRVVDALGNAIDGKGPVGSKIRRRVGLKAPGIIPRISVREPMQTGIKAVDSLVPIG
RGQRELIIGDRQTGKTSIAIDTIINQKRFNDGTDEKKKLYCIYVAIGQKRSTVAQLVKRLTDADAMKYTIVVSATASDAA
PLQYLAPYSGCSMGEYFRDNGKHALIIYDDLSKQAVAYRQMSLLLRRPPGREAYPGDVFYLHSRLLERAAKMNDSFGGGS
LTALPVIETQAGDVSAYIPTNVISITDGQIFLETELFYKGIRPAINVGLSVSRVGSAAQTRAMKQVAGTMKLELAQYREV
AAFAQFGSDLDAATQQLLSRGVRLTELLKQGQYSPMAIEEQVAVIYAGVRGYLDKLEPSKITKFESAFLSHVVSQHQSLL
GNIRTDGKISEQSDAKLKEIVTNFLAGFEP
;
A
2 'polypeptide(L)'
;SAAPKAGTATGQIVAVIGAVVDVQFDEGLPPILNALEVQGRESRLVLEVAQHLGESTVRTIAMDGTEGLVRGQKVLDSGA
PIKIPVGPETLGRIMNVIGEPIDERGPIKTKQFAPIHAEAPEFIEMSVEQEILVTGIKVVDLLAPYAKGGKIGLFGGAGV
GKTVLIMELINNVAKAHGGYSVFAGVGERTREGNDLYHEMIESGVINLKDATSKVALVYGQMNEPPGARARVALTGLTVA
EYFRDQEGQDVLLFIDNIFRFTQAGSEVSALLGRIPSAVGYQPTLATDMGTMQERITTTKKGSITSVQAIYVPADDLTDP
APATTFAHLDATTVLSRAIAELGIYPAVDPLDSTSRIMDPNIVGSEHYDVARGVQKILQDYKSLQDIIAILGMDELSEED
KLTVSRARKIQRFLSQPFQVAEVFTGHMGKLVPLKETIKGFQQILAGDYDHLPEQAFYMVGPIEEAVAKADKLAEEHGS
;
B
3 'polypeptide(L)'
;RDITRRLKSIKNIQKITKSMKMVAAAKYARAERELKPARVYGTGSLALYEKAEIKGPEDKKKHLIIGVSSDRGLCGAIHS
SVAKQMKNDMAALTAAGKEVMIVGIGEKIKSILYRTHSDQFLVSFKDVGRKPPTFGDASVIALELLNSGYEFDEGSIIFN
QFKSVISYKTEEKPIFSFSTVVAAENMSIYDDIDADVLQNYQEYNLANIIYYSLKESTTSEQSARMTAMDNASKNASDMI
DKLTLTFNRTRQAVITKELIEIISGAAALD
;
G
#
# COMPACT_ATOMS: atom_id res chain seq x y z
N SER A 9 -16.27 34.75 -20.85
CA SER A 9 -14.88 35.29 -20.80
C SER A 9 -14.37 35.53 -22.21
N SER A 10 -13.95 36.76 -22.50
CA SER A 10 -13.45 37.11 -23.83
C SER A 10 -12.42 38.24 -23.77
N ILE A 11 -11.73 38.45 -24.90
CA ILE A 11 -10.69 39.47 -25.02
C ILE A 11 -10.91 40.31 -26.27
N LEU A 12 -9.92 41.13 -26.63
CA LEU A 12 -10.02 41.99 -27.80
C LEU A 12 -9.00 41.69 -28.91
N GLU A 13 -9.19 42.37 -30.05
CA GLU A 13 -8.36 42.22 -31.25
C GLU A 13 -6.88 42.58 -31.19
N GLU A 14 -6.58 43.81 -30.74
CA GLU A 14 -5.21 44.32 -30.69
C GLU A 14 -4.16 43.53 -29.92
N ARG A 15 -3.74 42.40 -30.48
CA ARG A 15 -2.70 41.53 -29.93
C ARG A 15 -2.92 40.76 -28.63
N ILE A 16 -2.72 39.45 -28.72
CA ILE A 16 -2.82 38.47 -27.62
C ILE A 16 -3.90 38.56 -26.52
N GLY A 18 -4.74 39.59 -26.56
CA GLY A 18 -5.77 39.78 -25.56
C GLY A 18 -6.27 41.21 -25.60
N ALA A 19 -5.35 42.11 -25.91
CA ALA A 19 -5.61 43.53 -26.02
C ALA A 19 -6.27 44.13 -24.78
N ASP A 20 -7.59 43.98 -24.68
CA ASP A 20 -8.32 44.55 -23.57
C ASP A 20 -9.08 43.50 -22.77
N THR A 21 -8.73 43.39 -21.49
CA THR A 21 -9.36 42.47 -20.56
C THR A 21 -8.85 42.84 -19.16
N SER A 22 -7.61 42.43 -18.90
CA SER A 22 -6.91 42.65 -17.63
C SER A 22 -7.01 44.03 -17.01
N VAL A 23 -7.14 45.06 -17.86
CA VAL A 23 -7.21 46.45 -17.44
C VAL A 23 -8.10 46.75 -16.21
N ASP A 24 -9.05 45.86 -15.91
CA ASP A 24 -9.93 46.05 -14.76
C ASP A 24 -9.86 44.90 -13.76
N LEU A 25 -9.43 45.23 -12.54
CA LEU A 25 -9.31 44.26 -11.47
C LEU A 25 -10.68 43.77 -10.98
N GLU A 26 -11.73 44.26 -11.64
CA GLU A 26 -13.12 43.89 -11.37
C GLU A 26 -13.36 42.49 -11.92
N GLU A 27 -13.01 42.27 -13.20
CA GLU A 27 -13.18 40.97 -13.84
C GLU A 27 -11.87 40.19 -13.97
N THR A 28 -10.74 40.84 -13.69
CA THR A 28 -9.43 40.20 -13.73
C THR A 28 -8.67 40.55 -12.48
N GLY A 29 -7.48 39.97 -12.37
CA GLY A 29 -6.61 40.23 -11.22
C GLY A 29 -5.20 39.75 -11.50
N ARG A 30 -4.23 40.55 -11.09
CA ARG A 30 -2.82 40.27 -11.30
C ARG A 30 -2.19 39.62 -10.07
N VAL A 31 -1.75 38.37 -10.18
CA VAL A 31 -1.12 37.63 -9.07
C VAL A 31 -0.26 38.48 -8.10
N LEU A 32 -0.49 38.32 -6.79
CA LEU A 32 0.29 39.04 -5.75
C LEU A 32 1.46 38.15 -5.33
N SER A 33 1.15 36.98 -4.80
CA SER A 33 2.16 36.04 -4.40
C SER A 33 1.79 34.76 -5.12
N ILE A 34 2.53 33.67 -4.88
CA ILE A 34 2.31 32.34 -5.47
C ILE A 34 3.44 31.38 -5.07
N GLY A 35 3.07 30.14 -4.76
CA GLY A 35 4.04 29.15 -4.35
C GLY A 35 3.27 27.97 -3.76
N ASP A 36 3.58 26.78 -4.22
CA ASP A 36 2.88 25.61 -3.72
C ASP A 36 1.40 25.65 -4.11
N GLY A 37 1.18 26.11 -5.33
CA GLY A 37 -0.14 26.19 -5.96
C GLY A 37 -1.29 26.68 -5.14
N ILE A 38 -1.20 27.95 -4.73
CA ILE A 38 -2.19 28.64 -3.89
C ILE A 38 -2.02 30.12 -4.29
N ALA A 39 -2.09 30.41 -5.58
CA ALA A 39 -1.89 31.78 -6.04
C ALA A 39 -2.75 32.77 -5.29
N ARG A 40 -2.14 33.63 -4.52
CA ARG A 40 -2.89 34.63 -3.79
C ARG A 40 -3.03 35.72 -4.83
N VAL A 41 -4.07 35.63 -5.65
CA VAL A 41 -4.30 36.60 -6.70
C VAL A 41 -4.85 37.93 -6.20
N HIS A 42 -4.47 39.03 -6.86
CA HIS A 42 -4.99 40.34 -6.50
C HIS A 42 -6.14 40.63 -7.46
N GLY A 43 -6.86 41.73 -7.24
CA GLY A 43 -7.94 42.08 -8.14
C GLY A 43 -9.19 41.22 -7.98
N LEU A 44 -9.46 40.39 -8.98
CA LEU A 44 -10.60 39.48 -9.03
C LEU A 44 -11.84 39.81 -8.19
N ARG A 45 -12.21 41.09 -8.11
CA ARG A 45 -13.36 41.52 -7.27
C ARG A 45 -14.66 40.76 -7.41
N ASN A 46 -15.17 40.60 -8.63
CA ASN A 46 -16.42 39.89 -8.83
C ASN A 46 -16.25 38.37 -8.82
N VAL A 47 -15.07 37.87 -8.49
CA VAL A 47 -14.89 36.43 -8.44
C VAL A 47 -15.95 35.90 -7.48
N GLN A 48 -16.40 34.68 -7.73
CA GLN A 48 -17.37 34.05 -6.85
C GLN A 48 -16.59 33.11 -5.95
N ALA A 49 -17.21 32.65 -4.89
CA ALA A 49 -16.58 31.72 -3.99
C ALA A 49 -16.44 30.29 -4.58
N GLU A 50 -15.74 30.15 -5.69
CA GLU A 50 -15.48 28.85 -6.33
C GLU A 50 -15.43 28.87 -7.86
N GLU A 51 -15.56 30.04 -8.47
CA GLU A 51 -15.55 30.09 -9.92
C GLU A 51 -14.15 29.87 -10.37
N MET A 52 -13.91 28.70 -10.97
CA MET A 52 -12.57 28.40 -11.45
C MET A 52 -12.06 29.48 -12.37
N VAL A 53 -10.86 29.98 -12.08
CA VAL A 53 -10.20 31.03 -12.85
C VAL A 53 -9.04 30.64 -13.80
N GLU A 54 -8.66 31.63 -14.61
CA GLU A 54 -7.65 31.51 -15.65
C GLU A 54 -6.35 32.29 -15.43
N PHE A 55 -5.22 31.60 -15.46
CA PHE A 55 -3.94 32.31 -15.28
C PHE A 55 -3.40 32.68 -16.66
N SER A 56 -2.30 33.42 -16.68
CA SER A 56 -1.68 33.82 -17.94
C SER A 56 -1.11 32.61 -18.66
N SER A 57 -0.55 31.67 -17.91
CA SER A 57 0.00 30.48 -18.53
C SER A 57 -1.08 29.49 -18.98
N GLY A 58 -2.26 29.99 -19.34
CA GLY A 58 -3.33 29.10 -19.74
C GLY A 58 -3.48 27.92 -18.80
N LEU A 59 -3.77 28.20 -17.54
CA LEU A 59 -3.94 27.16 -16.54
C LEU A 59 -5.14 27.42 -15.62
N LYS A 60 -5.85 26.35 -15.28
CA LYS A 60 -7.03 26.40 -14.41
C LYS A 60 -6.69 26.43 -12.93
N GLY A 61 -7.58 27.04 -12.17
CA GLY A 61 -7.45 27.13 -10.72
C GLY A 61 -8.80 27.61 -10.23
N MET A 62 -9.22 27.25 -9.03
CA MET A 62 -10.52 27.72 -8.53
C MET A 62 -10.41 28.61 -7.30
N SER A 63 -10.99 29.81 -7.38
CA SER A 63 -10.97 30.77 -6.27
C SER A 63 -11.63 30.10 -5.05
N LEU A 64 -10.83 29.80 -4.02
CA LEU A 64 -11.31 29.10 -2.82
C LEU A 64 -11.43 29.88 -1.51
N ASN A 65 -10.72 31.00 -1.40
CA ASN A 65 -10.70 31.84 -0.20
C ASN A 65 -10.95 33.29 -0.62
N LEU A 66 -12.18 33.73 -0.73
CA LEU A 66 -12.39 35.12 -1.09
C LEU A 66 -12.08 35.90 0.18
N GLU A 67 -11.20 36.89 0.08
CA GLU A 67 -10.80 37.68 1.23
C GLU A 67 -10.73 39.17 0.92
N PRO A 68 -10.69 40.01 1.94
CA PRO A 68 -10.64 41.45 1.76
C PRO A 68 -9.68 42.04 0.79
N ASP A 69 -8.50 41.45 0.66
CA ASP A 69 -7.51 42.02 -0.27
C ASP A 69 -6.77 40.97 -1.11
N ASN A 70 -7.49 39.89 -1.43
CA ASN A 70 -7.00 38.79 -2.25
C ASN A 70 -8.01 37.65 -2.32
N VAL A 71 -7.80 36.72 -3.25
CA VAL A 71 -8.74 35.61 -3.44
C VAL A 71 -8.20 34.21 -3.12
N GLY A 72 -6.89 34.09 -2.91
CA GLY A 72 -6.33 32.79 -2.60
C GLY A 72 -6.91 31.67 -3.44
N VAL A 73 -6.29 31.41 -4.59
CA VAL A 73 -6.71 30.38 -5.55
C VAL A 73 -5.87 29.09 -5.48
N VAL A 74 -6.51 27.94 -5.63
CA VAL A 74 -5.77 26.69 -5.61
C VAL A 74 -5.51 26.43 -7.07
N VAL A 75 -4.22 26.36 -7.39
CA VAL A 75 -3.75 26.18 -8.76
C VAL A 75 -3.81 24.74 -9.21
N PHE A 76 -4.40 24.53 -10.38
CA PHE A 76 -4.47 23.19 -10.90
C PHE A 76 -3.13 22.91 -11.59
N GLY A 77 -2.44 21.86 -11.14
CA GLY A 77 -1.18 21.45 -11.72
C GLY A 77 0.03 22.30 -11.36
N ASN A 78 1.15 21.60 -11.20
CA ASN A 78 2.46 22.16 -10.82
C ASN A 78 2.68 23.63 -11.22
N ASP A 79 3.44 24.33 -10.38
CA ASP A 79 3.74 25.78 -10.44
C ASP A 79 4.44 26.49 -11.62
N LYS A 80 5.73 26.22 -11.78
CA LYS A 80 6.60 26.77 -12.82
C LYS A 80 6.18 28.07 -13.52
N LEU A 81 5.12 28.00 -14.31
CA LEU A 81 4.61 29.14 -15.08
C LEU A 81 3.84 30.23 -14.31
N ILE A 82 3.05 29.85 -13.30
CA ILE A 82 2.27 30.81 -12.48
C ILE A 82 3.28 31.66 -11.72
N LYS A 83 3.31 32.97 -12.01
CA LYS A 83 4.30 33.79 -11.33
C LYS A 83 3.87 35.19 -11.02
N GLU A 84 4.28 35.66 -9.85
CA GLU A 84 3.97 36.98 -9.35
C GLU A 84 3.70 38.09 -10.36
N GLY A 85 2.44 38.18 -10.77
CA GLY A 85 2.02 39.20 -11.71
C GLY A 85 1.07 38.63 -12.74
N ASP A 86 1.11 37.30 -12.92
CA ASP A 86 0.26 36.64 -13.89
C ASP A 86 -1.14 37.19 -13.83
N ILE A 87 -1.65 37.60 -14.99
CA ILE A 87 -2.99 38.12 -15.10
C ILE A 87 -3.95 36.97 -14.84
N VAL A 88 -5.03 37.23 -14.11
CA VAL A 88 -5.99 36.17 -13.82
C VAL A 88 -7.35 36.55 -14.38
N LYS A 89 -7.95 35.61 -15.11
CA LYS A 89 -9.24 35.81 -15.74
C LYS A 89 -10.38 35.04 -15.09
N ARG A 90 -11.56 35.61 -15.22
CA ARG A 90 -12.77 35.04 -14.68
C ARG A 90 -13.49 34.05 -15.60
N THR A 91 -13.90 32.93 -15.01
CA THR A 91 -14.65 31.88 -15.68
C THR A 91 -15.88 31.68 -14.78
N GLY A 92 -16.74 32.69 -14.73
CA GLY A 92 -17.92 32.66 -13.89
C GLY A 92 -18.72 31.37 -13.94
N ALA A 93 -18.29 30.34 -13.22
CA ALA A 93 -18.99 29.05 -13.18
C ALA A 93 -18.38 28.14 -12.11
N ILE A 94 -19.08 27.93 -11.00
CA ILE A 94 -18.56 27.06 -9.93
C ILE A 94 -18.00 25.78 -10.51
N VAL A 95 -17.09 25.17 -9.76
CA VAL A 95 -16.41 23.95 -10.19
C VAL A 95 -17.30 22.90 -10.83
N ASP A 96 -17.26 22.94 -12.17
CA ASP A 96 -18.03 22.08 -13.06
C ASP A 96 -17.06 21.30 -13.97
N VAL A 97 -17.54 20.18 -14.50
CA VAL A 97 -16.74 19.34 -15.39
C VAL A 97 -17.59 18.74 -16.50
N PRO A 98 -16.97 18.08 -17.48
CA PRO A 98 -17.69 17.44 -18.60
C PRO A 98 -18.37 16.13 -18.20
N VAL A 99 -19.44 15.77 -18.92
CA VAL A 99 -20.18 14.51 -18.68
C VAL A 99 -21.09 14.21 -19.87
N GLY A 100 -21.67 13.01 -19.87
CA GLY A 100 -22.56 12.61 -20.95
C GLY A 100 -22.29 11.17 -21.29
N ASP A 101 -23.02 10.61 -22.24
CA ASP A 101 -22.81 9.22 -22.63
C ASP A 101 -21.48 9.10 -23.37
N GLU A 102 -21.11 10.18 -24.06
CA GLU A 102 -19.86 10.23 -24.85
C GLU A 102 -18.61 9.68 -24.11
N LEU A 103 -18.46 10.09 -22.85
CA LEU A 103 -17.33 9.68 -22.04
C LEU A 103 -17.31 8.19 -21.82
N LEU A 104 -18.29 7.48 -22.36
CA LEU A 104 -18.32 6.03 -22.23
C LEU A 104 -17.18 5.40 -23.06
N GLY A 105 -16.56 4.37 -22.50
CA GLY A 105 -15.46 3.70 -23.16
C GLY A 105 -14.19 4.54 -23.15
N ARG A 106 -14.01 5.41 -22.16
CA ARG A 106 -12.81 6.24 -22.11
C ARG A 106 -12.08 6.38 -20.78
N VAL A 107 -10.96 7.09 -20.83
CA VAL A 107 -10.11 7.35 -19.67
C VAL A 107 -9.65 8.80 -19.83
N VAL A 108 -9.92 9.61 -18.81
CA VAL A 108 -9.53 11.02 -18.83
C VAL A 108 -8.80 11.36 -17.54
N ASP A 109 -8.21 12.55 -17.48
CA ASP A 109 -7.52 12.94 -16.27
C ASP A 109 -8.53 13.07 -15.12
N ALA A 110 -8.80 14.27 -14.64
CA ALA A 110 -9.74 14.45 -13.55
C ALA A 110 -10.05 15.92 -13.53
N LEU A 111 -10.86 16.30 -14.51
CA LEU A 111 -11.33 17.67 -14.72
C LEU A 111 -12.07 17.61 -16.05
N GLY A 112 -12.11 16.42 -16.64
CA GLY A 112 -12.79 16.26 -17.90
C GLY A 112 -11.99 15.66 -19.04
N ASN A 113 -11.15 16.48 -19.66
CA ASN A 113 -10.39 16.03 -20.82
C ASN A 113 -9.63 14.71 -20.82
N ALA A 114 -9.84 13.99 -21.92
CA ALA A 114 -9.24 12.69 -22.19
C ALA A 114 -7.73 12.68 -22.08
N ILE A 115 -7.19 11.48 -21.91
CA ILE A 115 -5.76 11.31 -21.81
C ILE A 115 -5.25 10.23 -22.74
N ASP A 116 -6.01 9.13 -22.83
CA ASP A 116 -5.66 7.97 -23.65
C ASP A 116 -5.53 8.17 -25.16
N GLY A 117 -4.92 9.29 -25.55
CA GLY A 117 -4.69 9.63 -26.94
C GLY A 117 -5.68 9.16 -27.96
N LYS A 118 -6.93 8.90 -27.57
CA LYS A 118 -7.98 8.43 -28.49
C LYS A 118 -8.69 9.61 -29.10
N GLY A 119 -8.04 10.78 -29.09
CA GLY A 119 -8.67 11.95 -29.65
C GLY A 119 -9.58 12.66 -28.65
N PRO A 120 -10.38 13.63 -29.13
CA PRO A 120 -11.31 14.42 -28.32
C PRO A 120 -12.59 13.70 -27.94
N VAL A 121 -13.24 14.25 -26.91
CA VAL A 121 -14.51 13.75 -26.41
C VAL A 121 -15.27 15.03 -26.10
N GLY A 122 -15.28 15.94 -27.08
CA GLY A 122 -15.98 17.19 -26.90
C GLY A 122 -17.41 16.90 -26.50
N SER A 123 -17.70 17.11 -25.22
CA SER A 123 -19.03 16.87 -24.69
C SER A 123 -19.85 18.15 -24.82
N LYS A 124 -21.17 18.01 -24.80
CA LYS A 124 -22.04 19.18 -24.91
C LYS A 124 -23.04 19.26 -23.76
N ILE A 125 -22.79 18.49 -22.70
CA ILE A 125 -23.63 18.47 -21.53
C ILE A 125 -22.65 18.35 -20.35
N ARG A 126 -22.40 19.46 -19.69
CA ARG A 126 -21.47 19.47 -18.55
C ARG A 126 -22.18 19.03 -17.28
N ARG A 127 -21.50 19.19 -16.16
CA ARG A 127 -22.05 18.86 -14.86
C ARG A 127 -21.16 19.37 -13.73
N ARG A 128 -21.67 20.33 -12.98
CA ARG A 128 -20.96 20.92 -11.86
C ARG A 128 -20.75 19.79 -10.85
N VAL A 129 -19.77 19.95 -9.97
CA VAL A 129 -19.51 18.92 -8.95
C VAL A 129 -20.10 19.31 -7.60
N GLY A 130 -20.36 20.61 -7.42
CA GLY A 130 -20.88 21.11 -6.16
C GLY A 130 -22.32 20.75 -5.79
N LEU A 131 -22.97 19.92 -6.61
CA LEU A 131 -24.36 19.55 -6.36
C LEU A 131 -24.63 18.93 -4.99
N LYS A 132 -25.82 19.25 -4.47
CA LYS A 132 -26.27 18.77 -3.18
C LYS A 132 -26.97 17.44 -3.33
N ALA A 133 -26.76 16.56 -2.36
CA ALA A 133 -27.40 15.26 -2.37
C ALA A 133 -28.91 15.48 -2.38
N PRO A 134 -29.66 14.68 -3.14
CA PRO A 134 -31.12 14.79 -3.23
C PRO A 134 -31.85 14.75 -1.88
N GLY A 135 -32.22 13.56 -1.42
CA GLY A 135 -32.88 13.52 -0.14
C GLY A 135 -33.80 12.36 0.16
N ILE A 136 -34.49 12.50 1.28
CA ILE A 136 -35.42 11.53 1.81
C ILE A 136 -36.47 11.17 0.76
N ILE A 137 -36.99 12.20 0.11
CA ILE A 137 -38.03 12.02 -0.90
C ILE A 137 -37.59 11.44 -2.26
N PRO A 138 -36.56 12.00 -2.92
CA PRO A 138 -36.18 11.40 -4.20
C PRO A 138 -35.80 9.92 -4.07
N ARG A 139 -35.04 9.61 -3.03
CA ARG A 139 -34.61 8.26 -2.76
C ARG A 139 -35.79 7.41 -2.28
N ILE A 140 -35.74 6.12 -2.59
CA ILE A 140 -36.83 5.24 -2.19
C ILE A 140 -36.38 4.12 -1.25
N SER A 141 -35.85 3.05 -1.83
CA SER A 141 -35.39 1.88 -1.10
C SER A 141 -34.44 1.24 -2.08
N VAL A 142 -33.36 0.66 -1.57
CA VAL A 142 -32.39 -0.01 -2.43
C VAL A 142 -32.90 -1.40 -2.71
N ARG A 143 -33.41 -1.58 -3.92
CA ARG A 143 -33.93 -2.86 -4.41
C ARG A 143 -33.18 -3.07 -5.71
N GLU A 144 -33.38 -4.22 -6.37
CA GLU A 144 -32.68 -4.47 -7.63
C GLU A 144 -31.18 -4.35 -7.37
N PRO A 145 -30.61 -5.40 -6.77
CA PRO A 145 -29.18 -5.44 -6.44
C PRO A 145 -28.26 -5.27 -7.64
N MET A 146 -26.99 -5.49 -7.40
CA MET A 146 -25.96 -5.36 -8.41
C MET A 146 -25.02 -6.53 -8.21
N GLN A 147 -24.94 -7.40 -9.23
CA GLN A 147 -24.10 -8.58 -9.15
C GLN A 147 -22.61 -8.29 -9.42
N THR A 148 -21.76 -8.54 -8.42
CA THR A 148 -20.32 -8.34 -8.56
C THR A 148 -19.71 -9.49 -9.36
N GLY A 149 -20.11 -10.70 -9.03
CA GLY A 149 -19.59 -11.87 -9.70
C GLY A 149 -18.58 -12.52 -8.76
N ILE A 150 -18.23 -11.79 -7.71
CA ILE A 150 -17.31 -12.31 -6.72
C ILE A 150 -18.26 -13.04 -5.78
N LYS A 151 -18.29 -14.36 -5.91
CA LYS A 151 -19.17 -15.19 -5.10
C LYS A 151 -19.14 -14.74 -3.67
N ALA A 152 -17.98 -14.90 -3.04
CA ALA A 152 -17.78 -14.53 -1.64
C ALA A 152 -18.44 -13.19 -1.29
N VAL A 153 -18.40 -12.24 -2.23
CA VAL A 153 -19.02 -10.94 -1.99
C VAL A 153 -20.53 -11.05 -2.10
N ASP A 154 -21.03 -11.18 -3.33
CA ASP A 154 -22.46 -11.26 -3.58
C ASP A 154 -23.27 -12.13 -2.62
N SER A 155 -22.99 -13.43 -2.58
CA SER A 155 -23.74 -14.29 -1.68
C SER A 155 -23.57 -13.80 -0.24
N LEU A 156 -22.34 -13.67 0.22
CA LEU A 156 -22.11 -13.21 1.59
C LEU A 156 -22.57 -11.78 1.81
N VAL A 157 -21.79 -10.84 1.28
CA VAL A 157 -22.04 -9.41 1.39
C VAL A 157 -22.68 -8.79 0.14
N PRO A 158 -24.00 -8.98 -0.03
CA PRO A 158 -24.76 -8.46 -1.17
C PRO A 158 -24.83 -6.94 -1.26
N ILE A 159 -24.44 -6.44 -2.44
CA ILE A 159 -24.46 -5.01 -2.72
C ILE A 159 -25.80 -4.64 -3.37
N GLY A 160 -26.38 -3.54 -2.93
CA GLY A 160 -27.64 -3.08 -3.49
C GLY A 160 -27.37 -1.93 -4.42
N ARG A 161 -28.35 -1.57 -5.24
CA ARG A 161 -28.17 -0.46 -6.19
C ARG A 161 -28.58 0.88 -5.61
N GLY A 162 -27.74 1.88 -5.84
CA GLY A 162 -27.97 3.22 -5.32
C GLY A 162 -27.35 3.44 -3.94
N GLN A 163 -26.44 2.56 -3.53
CA GLN A 163 -25.83 2.67 -2.22
C GLN A 163 -24.31 2.69 -2.24
N ARG A 164 -23.75 3.16 -1.11
CA ARG A 164 -22.32 3.26 -0.91
C ARG A 164 -21.83 2.07 -0.10
N GLU A 165 -21.01 1.23 -0.72
CA GLU A 165 -20.44 0.04 -0.09
C GLU A 165 -18.94 0.29 0.06
N LEU A 166 -18.48 0.58 1.28
CA LEU A 166 -17.06 0.85 1.50
C LEU A 166 -16.24 -0.43 1.49
N ILE A 167 -15.21 -0.49 0.64
CA ILE A 167 -14.33 -1.65 0.58
C ILE A 167 -12.98 -1.22 1.15
N ILE A 168 -12.72 -1.65 2.38
CA ILE A 168 -11.48 -1.29 3.06
C ILE A 168 -10.52 -2.47 3.04
N GLY A 169 -9.23 -2.18 2.95
CA GLY A 169 -8.25 -3.24 2.91
C GLY A 169 -6.87 -2.64 3.02
N ASP A 170 -5.97 -3.40 3.64
CA ASP A 170 -4.58 -2.96 3.82
C ASP A 170 -3.91 -2.98 2.45
N ARG A 171 -2.68 -2.47 2.39
CA ARG A 171 -1.93 -2.46 1.14
C ARG A 171 -1.95 -3.88 0.58
N GLN A 172 -1.99 -3.99 -0.74
CA GLN A 172 -2.01 -5.29 -1.40
C GLN A 172 -2.92 -6.29 -0.72
N THR A 173 -4.22 -6.04 -0.75
CA THR A 173 -5.18 -6.96 -0.14
C THR A 173 -6.24 -7.42 -1.14
N GLY A 174 -6.40 -6.67 -2.22
CA GLY A 174 -7.40 -7.04 -3.23
C GLY A 174 -8.47 -6.00 -3.50
N LYS A 175 -8.38 -4.84 -2.84
CA LYS A 175 -9.36 -3.78 -3.03
C LYS A 175 -9.65 -3.44 -4.48
N THR A 176 -8.68 -3.59 -5.38
CA THR A 176 -8.93 -3.26 -6.78
C THR A 176 -9.32 -4.44 -7.66
N SER A 177 -8.89 -5.64 -7.30
CA SER A 177 -9.26 -6.82 -8.08
C SER A 177 -10.78 -6.93 -7.93
N ILE A 178 -11.24 -6.87 -6.68
CA ILE A 178 -12.65 -6.93 -6.35
C ILE A 178 -13.42 -5.90 -7.20
N ALA A 179 -13.01 -4.64 -7.11
CA ALA A 179 -13.64 -3.56 -7.85
C ALA A 179 -13.46 -3.74 -9.35
N ILE A 180 -12.43 -4.51 -9.75
CA ILE A 180 -12.17 -4.77 -11.17
C ILE A 180 -13.01 -5.98 -11.67
N ASP A 181 -13.47 -6.80 -10.73
CA ASP A 181 -14.32 -7.95 -11.05
C ASP A 181 -15.77 -7.51 -10.93
N THR A 182 -16.04 -6.62 -9.98
CA THR A 182 -17.39 -6.10 -9.77
C THR A 182 -17.78 -5.30 -11.00
N ILE A 183 -16.81 -4.62 -11.62
CA ILE A 183 -17.09 -3.85 -12.82
C ILE A 183 -17.11 -4.77 -14.05
N ILE A 184 -16.18 -5.72 -14.10
CA ILE A 184 -16.08 -6.66 -15.21
C ILE A 184 -17.37 -7.46 -15.41
N ASN A 185 -18.06 -7.77 -14.31
CA ASN A 185 -19.28 -8.55 -14.34
C ASN A 185 -20.41 -7.95 -15.17
N GLN A 186 -20.43 -6.62 -15.28
CA GLN A 186 -21.48 -5.95 -16.03
C GLN A 186 -21.43 -6.24 -17.53
N LYS A 187 -20.42 -7.01 -17.95
CA LYS A 187 -20.19 -7.44 -19.35
C LYS A 187 -21.43 -7.82 -20.14
N ARG A 188 -21.97 -8.98 -19.79
CA ARG A 188 -23.15 -9.57 -20.41
C ARG A 188 -24.38 -8.67 -20.58
N PHE A 189 -24.60 -7.81 -19.59
CA PHE A 189 -25.75 -6.92 -19.56
C PHE A 189 -25.62 -5.72 -20.48
N ASN A 190 -24.40 -5.25 -20.70
CA ASN A 190 -24.17 -4.07 -21.55
C ASN A 190 -24.29 -4.33 -23.06
N ASP A 191 -25.19 -5.24 -23.39
CA ASP A 191 -25.48 -5.67 -24.76
C ASP A 191 -26.56 -6.75 -24.69
N GLY A 192 -26.98 -7.10 -23.47
CA GLY A 192 -28.02 -8.11 -23.31
C GLY A 192 -29.39 -7.51 -23.58
N THR A 193 -30.43 -8.17 -23.09
CA THR A 193 -31.78 -7.71 -23.30
C THR A 193 -32.21 -6.63 -22.30
N ASP A 194 -32.62 -7.06 -21.11
CA ASP A 194 -33.11 -6.13 -20.09
C ASP A 194 -32.23 -4.91 -19.81
N GLU A 195 -32.58 -3.80 -20.48
CA GLU A 195 -31.87 -2.53 -20.36
C GLU A 195 -31.74 -2.02 -18.92
N LYS A 196 -32.73 -2.35 -18.10
CA LYS A 196 -32.76 -1.96 -16.70
C LYS A 196 -31.78 -2.86 -15.92
N LYS A 197 -31.51 -4.04 -16.46
CA LYS A 197 -30.58 -4.99 -15.85
C LYS A 197 -29.22 -4.75 -16.47
N LYS A 198 -28.78 -3.50 -16.49
CA LYS A 198 -27.49 -3.11 -17.07
C LYS A 198 -26.64 -2.42 -16.01
N LEU A 199 -25.59 -1.74 -16.46
CA LEU A 199 -24.71 -0.97 -15.57
C LEU A 199 -23.53 -0.32 -16.27
N TYR A 200 -23.39 0.98 -16.06
CA TYR A 200 -22.30 1.76 -16.64
C TYR A 200 -21.36 2.00 -15.47
N CYS A 201 -20.05 1.94 -15.70
CA CYS A 201 -19.13 2.15 -14.60
C CYS A 201 -18.27 3.39 -14.78
N ILE A 202 -17.93 4.02 -13.65
CA ILE A 202 -17.08 5.21 -13.62
C ILE A 202 -15.96 4.90 -12.63
N TYR A 203 -14.87 4.36 -13.17
CA TYR A 203 -13.73 4.03 -12.35
C TYR A 203 -12.85 5.28 -12.17
N VAL A 204 -12.72 5.72 -10.92
CA VAL A 204 -11.92 6.89 -10.58
C VAL A 204 -10.66 6.35 -9.91
N ALA A 205 -9.55 7.04 -10.14
CA ALA A 205 -8.27 6.67 -9.54
C ALA A 205 -7.69 7.91 -8.88
N ILE A 206 -7.40 7.82 -7.58
CA ILE A 206 -6.84 8.94 -6.80
C ILE A 206 -5.48 8.58 -6.14
N GLY A 207 -4.40 9.15 -6.70
CA GLY A 207 -3.06 8.89 -6.19
C GLY A 207 -2.23 8.04 -7.13
N GLN A 208 -2.66 6.79 -7.32
CA GLN A 208 -2.04 5.77 -8.18
C GLN A 208 -1.05 6.18 -9.27
N LYS A 209 -0.02 5.37 -9.51
CA LYS A 209 0.92 5.68 -10.59
C LYS A 209 0.14 5.49 -11.90
N ARG A 210 0.27 6.45 -12.80
CA ARG A 210 -0.41 6.38 -14.09
C ARG A 210 -0.17 5.11 -14.93
N SER A 211 0.68 4.21 -14.45
CA SER A 211 0.94 2.94 -15.16
C SER A 211 0.09 1.87 -14.50
N THR A 212 -0.23 2.04 -13.21
CA THR A 212 -1.12 1.08 -12.53
C THR A 212 -2.49 1.28 -13.19
N VAL A 213 -2.80 2.54 -13.49
CA VAL A 213 -4.05 2.90 -14.16
C VAL A 213 -4.06 2.37 -15.60
N ALA A 214 -2.89 2.28 -16.24
CA ALA A 214 -2.83 1.77 -17.60
C ALA A 214 -2.81 0.26 -17.60
N GLN A 215 -2.64 -0.31 -16.41
CA GLN A 215 -2.67 -1.76 -16.26
C GLN A 215 -4.15 -2.14 -16.30
N LEU A 216 -4.98 -1.27 -15.71
CA LEU A 216 -6.42 -1.45 -15.65
C LEU A 216 -7.14 -1.09 -16.93
N VAL A 217 -6.88 0.09 -17.47
CA VAL A 217 -7.52 0.49 -18.73
C VAL A 217 -7.32 -0.59 -19.76
N LYS A 218 -6.08 -1.02 -19.96
CA LYS A 218 -5.78 -2.09 -20.89
C LYS A 218 -6.43 -3.40 -20.42
N ARG A 219 -6.18 -3.80 -19.17
CA ARG A 219 -6.76 -5.04 -18.70
C ARG A 219 -8.25 -5.07 -18.96
N LEU A 220 -8.97 -4.08 -18.45
CA LEU A 220 -10.41 -4.02 -18.70
C LEU A 220 -10.65 -4.12 -20.20
N THR A 221 -9.89 -3.36 -20.98
CA THR A 221 -10.03 -3.40 -22.44
C THR A 221 -9.93 -4.82 -22.98
N ASP A 222 -9.12 -5.66 -22.33
CA ASP A 222 -8.98 -7.06 -22.78
C ASP A 222 -10.29 -7.83 -22.72
N ALA A 223 -11.11 -7.57 -21.70
CA ALA A 223 -12.40 -8.24 -21.58
C ALA A 223 -13.50 -7.38 -22.23
N ASP A 224 -13.06 -6.33 -22.92
CA ASP A 224 -13.94 -5.38 -23.58
C ASP A 224 -14.69 -4.50 -22.57
N ALA A 225 -14.45 -4.73 -21.29
CA ALA A 225 -15.10 -3.96 -20.22
C ALA A 225 -15.02 -2.47 -20.46
N MET A 226 -13.84 -2.01 -20.82
CA MET A 226 -13.63 -0.59 -21.08
C MET A 226 -14.68 -0.03 -22.05
N LYS A 227 -15.26 -0.89 -22.88
CA LYS A 227 -16.28 -0.50 -23.85
C LYS A 227 -17.55 0.13 -23.21
N TYR A 228 -17.84 -0.29 -21.97
CA TYR A 228 -18.99 0.20 -21.22
C TYR A 228 -18.59 0.81 -19.86
N THR A 229 -17.48 1.54 -19.85
CA THR A 229 -16.98 2.15 -18.62
C THR A 229 -16.27 3.46 -18.93
N ILE A 230 -16.19 4.32 -17.92
CA ILE A 230 -15.51 5.60 -18.01
C ILE A 230 -14.52 5.45 -16.86
N VAL A 231 -13.26 5.80 -17.11
CA VAL A 231 -12.21 5.73 -16.12
C VAL A 231 -11.58 7.12 -16.09
N VAL A 232 -11.20 7.60 -14.91
CA VAL A 232 -10.60 8.93 -14.74
C VAL A 232 -9.42 8.90 -13.77
N SER A 233 -8.41 9.72 -14.03
CA SER A 233 -7.26 9.69 -13.15
C SER A 233 -6.72 10.96 -12.51
N ALA A 234 -6.36 10.80 -11.26
CA ALA A 234 -5.76 11.84 -10.45
C ALA A 234 -4.53 11.07 -9.96
N THR A 235 -3.57 10.93 -10.86
CA THR A 235 -2.35 10.19 -10.61
C THR A 235 -1.15 11.04 -10.19
N ALA A 236 -0.60 10.70 -9.02
CA ALA A 236 0.55 11.34 -8.36
C ALA A 236 1.09 12.65 -8.93
N SER A 237 1.44 12.66 -10.20
CA SER A 237 1.97 13.87 -10.83
C SER A 237 1.02 15.00 -10.45
N ASP A 238 -0.25 14.78 -10.76
CA ASP A 238 -1.31 15.73 -10.50
C ASP A 238 -1.23 16.35 -9.12
N ALA A 239 -1.19 17.69 -9.12
CA ALA A 239 -1.14 18.47 -7.90
C ALA A 239 -2.31 18.06 -7.01
N ALA A 240 -2.08 18.05 -5.71
CA ALA A 240 -3.08 17.66 -4.72
C ALA A 240 -4.55 18.01 -5.03
N PRO A 241 -4.80 19.17 -5.65
CA PRO A 241 -6.17 19.54 -5.96
C PRO A 241 -6.81 18.57 -6.95
N LEU A 242 -6.07 18.13 -7.96
CA LEU A 242 -6.63 17.20 -8.91
C LEU A 242 -7.03 15.94 -8.15
N GLN A 243 -6.12 15.50 -7.30
CA GLN A 243 -6.36 14.35 -6.45
C GLN A 243 -7.52 14.63 -5.46
N TYR A 244 -7.98 15.87 -5.45
CA TYR A 244 -9.08 16.26 -4.58
C TYR A 244 -10.39 16.43 -5.35
N LEU A 245 -10.32 17.04 -6.52
CA LEU A 245 -11.50 17.30 -7.35
C LEU A 245 -12.00 16.04 -8.07
N ALA A 246 -11.11 15.09 -8.27
CA ALA A 246 -11.44 13.85 -8.99
C ALA A 246 -12.67 13.07 -8.50
N PRO A 247 -12.77 12.76 -7.20
CA PRO A 247 -13.95 12.00 -6.78
C PRO A 247 -15.22 12.79 -7.13
N TYR A 248 -15.21 14.07 -6.79
CA TYR A 248 -16.33 14.94 -7.06
C TYR A 248 -16.56 15.08 -8.56
N SER A 249 -15.65 14.55 -9.39
CA SER A 249 -15.83 14.62 -10.85
C SER A 249 -16.57 13.39 -11.35
N GLY A 250 -16.12 12.23 -10.89
CA GLY A 250 -16.75 10.97 -11.27
C GLY A 250 -18.15 10.88 -10.69
N CYS A 251 -18.39 11.55 -9.56
CA CYS A 251 -19.71 11.54 -8.92
C CYS A 251 -20.64 12.18 -9.95
N SER A 252 -20.20 13.26 -10.60
CA SER A 252 -21.03 13.94 -11.59
C SER A 252 -21.13 13.19 -12.91
N MET A 253 -20.32 12.15 -13.07
CA MET A 253 -20.32 11.34 -14.28
C MET A 253 -21.54 10.43 -14.20
N GLY A 254 -21.60 9.67 -13.11
CA GLY A 254 -22.70 8.75 -12.89
C GLY A 254 -24.02 9.49 -12.72
N GLU A 255 -23.98 10.66 -12.11
CA GLU A 255 -25.22 11.41 -11.89
C GLU A 255 -25.97 11.67 -13.18
N TYR A 256 -25.31 11.53 -14.31
CA TYR A 256 -26.02 11.66 -15.56
C TYR A 256 -27.02 10.48 -15.48
N PHE A 257 -26.47 9.28 -15.28
CA PHE A 257 -27.28 8.06 -15.18
C PHE A 257 -28.25 8.08 -14.00
N ARG A 258 -27.81 8.51 -12.84
CA ARG A 258 -28.71 8.57 -11.67
C ARG A 258 -29.77 9.68 -11.82
N ASP A 259 -29.79 10.32 -12.97
CA ASP A 259 -30.77 11.37 -13.22
C ASP A 259 -31.39 11.10 -14.58
N ASN A 260 -31.08 9.96 -15.18
CA ASN A 260 -31.61 9.62 -16.50
C ASN A 260 -32.06 8.18 -16.67
N GLY A 261 -32.68 7.63 -15.63
CA GLY A 261 -33.14 6.25 -15.72
C GLY A 261 -31.99 5.28 -15.58
N LYS A 262 -31.00 5.42 -16.43
CA LYS A 262 -29.81 4.57 -16.43
C LYS A 262 -29.21 4.49 -15.02
N HIS A 263 -28.26 3.59 -14.81
CA HIS A 263 -27.61 3.45 -13.50
C HIS A 263 -26.09 3.41 -13.71
N ALA A 264 -25.33 3.47 -12.61
CA ALA A 264 -23.86 3.41 -12.66
C ALA A 264 -23.18 2.79 -11.43
N LEU A 265 -21.96 2.29 -11.65
CA LEU A 265 -21.17 1.72 -10.58
C LEU A 265 -19.94 2.57 -10.61
N ILE A 266 -19.74 3.33 -9.54
CA ILE A 266 -18.58 4.20 -9.47
C ILE A 266 -17.66 3.65 -8.39
N ILE A 267 -16.38 3.57 -8.73
CA ILE A 267 -15.36 3.11 -7.81
C ILE A 267 -14.50 4.34 -7.52
N TYR A 268 -14.48 4.78 -6.27
CA TYR A 268 -13.67 5.93 -5.90
C TYR A 268 -12.38 5.30 -5.40
N ASP A 269 -11.38 5.21 -6.27
CA ASP A 269 -10.13 4.58 -5.84
C ASP A 269 -9.19 5.38 -4.96
N ASP A 270 -9.32 5.10 -3.66
CA ASP A 270 -8.55 5.73 -2.61
C ASP A 270 -9.06 7.09 -2.17
N LEU A 271 -10.04 7.09 -1.29
CA LEU A 271 -10.52 8.35 -0.76
C LEU A 271 -9.46 8.71 0.27
N SER A 272 -8.90 7.69 0.93
CA SER A 272 -7.84 7.91 1.93
C SER A 272 -6.67 8.58 1.22
N LYS A 273 -6.31 8.12 0.01
CA LYS A 273 -5.23 8.78 -0.72
C LYS A 273 -5.63 10.22 -1.02
N GLN A 274 -6.94 10.49 -1.07
CA GLN A 274 -7.43 11.86 -1.27
C GLN A 274 -7.35 12.52 0.10
N ALA A 275 -7.39 11.68 1.13
CA ALA A 275 -7.30 12.15 2.51
C ALA A 275 -5.90 12.73 2.63
N VAL A 276 -4.91 11.93 2.25
CA VAL A 276 -3.53 12.37 2.28
C VAL A 276 -3.47 13.60 1.37
N ALA A 277 -4.17 13.57 0.24
CA ALA A 277 -4.14 14.70 -0.71
C ALA A 277 -5.07 15.90 -0.47
N TYR A 278 -5.87 15.86 0.60
CA TYR A 278 -6.76 16.98 0.86
C TYR A 278 -6.15 18.01 1.78
N ARG A 279 -5.68 17.54 2.94
CA ARG A 279 -5.06 18.39 3.95
C ARG A 279 -4.05 19.38 3.40
N GLN A 280 -3.42 19.01 2.29
CA GLN A 280 -2.44 19.83 1.61
C GLN A 280 -3.01 21.19 1.21
N MET A 281 -3.93 21.17 0.24
CA MET A 281 -4.60 22.34 -0.34
C MET A 281 -5.05 23.40 0.69
N SER A 282 -5.56 22.92 1.81
CA SER A 282 -6.03 23.79 2.88
C SER A 282 -4.87 24.38 3.68
N LEU A 283 -3.99 23.53 4.24
CA LEU A 283 -2.83 23.99 5.05
C LEU A 283 -2.14 25.13 4.36
N LEU A 284 -1.89 24.94 3.07
CA LEU A 284 -1.26 25.94 2.23
C LEU A 284 -2.17 27.23 2.16
N LEU A 285 -3.48 27.04 2.32
CA LEU A 285 -4.44 28.16 2.32
C LEU A 285 -4.44 28.78 3.71
N ARG A 286 -3.71 28.15 4.62
CA ARG A 286 -3.58 28.59 6.00
C ARG A 286 -4.87 28.46 6.83
N ARG A 287 -5.67 27.44 6.51
CA ARG A 287 -6.91 27.17 7.22
C ARG A 287 -6.48 26.26 8.36
N PRO A 288 -6.48 26.79 9.61
CA PRO A 288 -6.08 26.10 10.84
C PRO A 288 -6.33 24.58 10.81
N PRO A 289 -5.26 23.81 10.90
CA PRO A 289 -5.33 22.36 10.88
C PRO A 289 -6.01 21.86 12.11
N GLY A 290 -6.51 20.63 12.04
CA GLY A 290 -7.18 20.00 13.16
C GLY A 290 -6.45 18.71 13.50
N ARG A 291 -7.18 17.59 13.41
CA ARG A 291 -6.62 16.28 13.69
C ARG A 291 -5.74 15.79 12.52
N GLU A 292 -4.58 15.21 12.85
CA GLU A 292 -3.61 14.72 11.86
C GLU A 292 -3.63 15.50 10.56
N ALA A 293 -3.56 16.81 10.69
CA ALA A 293 -3.57 17.78 9.60
C ALA A 293 -4.89 18.05 8.95
N TYR A 294 -5.70 16.99 8.82
CA TYR A 294 -7.04 17.06 8.17
C TYR A 294 -7.88 18.27 8.62
N PRO A 295 -8.06 19.23 7.69
CA PRO A 295 -8.78 20.51 7.77
C PRO A 295 -10.10 20.73 8.51
N GLY A 296 -10.40 19.94 9.53
CA GLY A 296 -11.67 20.14 10.22
C GLY A 296 -12.82 19.50 9.43
N ASP A 297 -13.12 20.02 8.24
CA ASP A 297 -14.16 19.40 7.41
C ASP A 297 -13.61 18.18 6.62
N VAL A 298 -13.25 17.14 7.36
CA VAL A 298 -12.74 15.91 6.79
C VAL A 298 -13.97 15.05 6.58
N PHE A 299 -14.99 15.37 7.37
CA PHE A 299 -16.28 14.68 7.31
C PHE A 299 -16.97 15.14 6.03
N TYR A 300 -17.29 16.44 6.01
CA TYR A 300 -17.95 17.09 4.89
C TYR A 300 -17.21 16.78 3.58
N LEU A 301 -16.02 16.22 3.69
CA LEU A 301 -15.20 15.86 2.55
C LEU A 301 -15.63 14.50 1.97
N HIS A 302 -15.80 13.51 2.84
CA HIS A 302 -16.21 12.19 2.42
C HIS A 302 -17.69 11.85 2.72
N SER A 303 -18.44 12.83 3.24
CA SER A 303 -19.87 12.65 3.53
C SER A 303 -20.51 13.23 2.30
N ARG A 304 -20.32 14.54 2.17
CA ARG A 304 -20.81 15.37 1.08
C ARG A 304 -20.79 14.65 -0.26
N LEU A 305 -19.79 13.81 -0.42
CA LEU A 305 -19.61 13.03 -1.63
C LEU A 305 -20.55 11.83 -1.64
N LEU A 306 -20.19 10.75 -0.93
CA LEU A 306 -20.98 9.51 -0.86
C LEU A 306 -22.50 9.79 -0.87
N GLU A 307 -22.90 10.81 -0.12
CA GLU A 307 -24.28 11.21 0.00
C GLU A 307 -24.93 11.49 -1.36
N ARG A 308 -24.16 11.37 -2.45
CA ARG A 308 -24.68 11.61 -3.80
C ARG A 308 -25.05 10.31 -4.55
N ALA A 309 -24.47 9.20 -4.11
CA ALA A 309 -24.76 7.91 -4.70
C ALA A 309 -26.02 7.47 -3.98
N ALA A 310 -27.17 7.86 -4.51
CA ALA A 310 -28.44 7.51 -3.87
C ALA A 310 -29.37 6.72 -4.78
N LYS A 311 -30.29 6.00 -4.14
CA LYS A 311 -31.29 5.20 -4.85
C LYS A 311 -32.34 6.15 -5.40
N MET A 312 -32.82 5.88 -6.61
CA MET A 312 -33.83 6.76 -7.18
C MET A 312 -35.17 6.08 -7.34
N ASN A 313 -36.20 6.79 -6.88
CA ASN A 313 -37.58 6.33 -6.92
C ASN A 313 -38.15 6.55 -8.32
N ASP A 314 -39.10 5.70 -8.72
CA ASP A 314 -39.71 5.79 -10.03
C ASP A 314 -40.25 7.19 -10.30
N SER A 315 -40.86 7.79 -9.27
CA SER A 315 -41.42 9.14 -9.39
C SER A 315 -40.31 10.14 -9.68
N PHE A 316 -39.06 9.77 -9.37
CA PHE A 316 -37.91 10.64 -9.64
C PHE A 316 -36.97 10.12 -10.73
N GLY A 317 -37.12 8.85 -11.11
CA GLY A 317 -36.27 8.31 -12.15
C GLY A 317 -36.09 6.80 -12.19
N GLY A 318 -35.96 6.20 -11.01
CA GLY A 318 -35.75 4.76 -10.96
C GLY A 318 -34.28 4.45 -11.18
N GLY A 319 -33.51 5.49 -11.51
CA GLY A 319 -32.09 5.31 -11.73
C GLY A 319 -31.36 4.99 -10.44
N SER A 320 -30.03 5.08 -10.49
CA SER A 320 -29.21 4.80 -9.33
C SER A 320 -27.75 5.14 -9.58
N LEU A 321 -26.95 4.88 -8.55
CA LEU A 321 -25.53 5.10 -8.59
C LEU A 321 -25.06 4.40 -7.33
N THR A 322 -24.33 3.30 -7.52
CA THR A 322 -23.78 2.58 -6.39
C THR A 322 -22.33 3.03 -6.33
N ALA A 323 -21.84 3.33 -5.13
CA ALA A 323 -20.47 3.80 -4.95
C ALA A 323 -19.69 3.08 -3.84
N LEU A 324 -18.60 2.41 -4.22
CA LEU A 324 -17.78 1.72 -3.24
C LEU A 324 -16.47 2.50 -3.07
N PRO A 325 -16.36 3.27 -1.99
CA PRO A 325 -15.15 4.04 -1.74
C PRO A 325 -14.06 3.12 -1.21
N VAL A 326 -12.90 3.14 -1.85
CA VAL A 326 -11.77 2.31 -1.46
C VAL A 326 -10.97 3.01 -0.36
N ILE A 327 -10.58 2.24 0.66
CA ILE A 327 -9.82 2.78 1.81
C ILE A 327 -8.60 1.94 2.25
N GLU A 328 -7.49 2.63 2.50
CA GLU A 328 -6.23 2.05 2.93
C GLU A 328 -6.19 1.67 4.41
N THR A 329 -6.13 0.37 4.69
CA THR A 329 -6.06 -0.09 6.07
C THR A 329 -4.60 -0.18 6.49
N GLN A 330 -4.24 0.56 7.54
CA GLN A 330 -2.90 0.58 8.07
C GLN A 330 -2.74 -0.56 9.09
N ALA A 331 -2.18 -1.68 8.64
CA ALA A 331 -1.93 -2.83 9.50
C ALA A 331 -3.15 -3.60 10.00
N GLY A 332 -4.35 -3.05 9.79
CA GLY A 332 -5.54 -3.73 10.26
C GLY A 332 -6.53 -2.81 10.95
N ASP A 333 -6.06 -1.64 11.41
CA ASP A 333 -6.96 -0.69 12.07
C ASP A 333 -7.92 -0.07 11.06
N VAL A 334 -9.20 -0.33 11.28
CA VAL A 334 -10.27 0.16 10.46
C VAL A 334 -10.92 1.40 11.08
N SER A 335 -10.62 1.66 12.35
CA SER A 335 -11.21 2.78 13.07
C SER A 335 -10.42 4.08 13.11
N ALA A 336 -9.40 4.21 12.26
CA ALA A 336 -8.58 5.43 12.24
C ALA A 336 -9.37 6.64 11.72
N TYR A 337 -8.95 7.83 12.12
CA TYR A 337 -9.59 9.07 11.66
C TYR A 337 -9.51 8.99 10.14
N ILE A 338 -10.65 9.19 9.49
CA ILE A 338 -10.83 9.09 8.04
C ILE A 338 -11.60 7.78 7.91
N PRO A 339 -11.02 6.64 8.36
CA PRO A 339 -11.84 5.44 8.23
C PRO A 339 -13.12 5.63 9.07
N THR A 340 -13.01 6.07 10.33
CA THR A 340 -14.21 6.32 11.13
C THR A 340 -15.09 7.25 10.29
N ASN A 341 -14.50 8.37 9.92
CA ASN A 341 -15.14 9.39 9.11
C ASN A 341 -15.95 8.76 7.95
N VAL A 342 -15.34 7.78 7.26
CA VAL A 342 -15.96 7.13 6.11
C VAL A 342 -16.84 5.91 6.41
N ILE A 343 -16.62 5.27 7.54
CA ILE A 343 -17.44 4.13 7.90
C ILE A 343 -18.63 4.63 8.77
N SER A 344 -18.63 5.91 9.10
CA SER A 344 -19.71 6.51 9.89
C SER A 344 -20.72 7.09 8.91
N ILE A 345 -20.62 6.71 7.64
CA ILE A 345 -21.54 7.23 6.65
C ILE A 345 -22.02 6.08 5.79
N THR A 346 -21.13 5.61 4.93
CA THR A 346 -21.43 4.51 4.01
C THR A 346 -22.23 3.36 4.68
N ASP A 347 -23.08 2.72 3.88
CA ASP A 347 -23.89 1.59 4.35
C ASP A 347 -23.25 0.33 3.76
N GLY A 348 -22.59 -0.43 4.61
CA GLY A 348 -21.93 -1.65 4.17
C GLY A 348 -20.47 -1.46 3.90
N GLN A 349 -19.61 -2.14 4.67
CA GLN A 349 -18.17 -2.03 4.50
C GLN A 349 -17.46 -3.37 4.41
N ILE A 350 -17.03 -3.74 3.21
CA ILE A 350 -16.34 -4.99 2.99
C ILE A 350 -14.88 -4.79 3.40
N PHE A 351 -14.47 -5.48 4.46
CA PHE A 351 -13.10 -5.41 4.96
C PHE A 351 -12.22 -6.46 4.27
N LEU A 352 -11.07 -6.03 3.79
CA LEU A 352 -10.11 -6.90 3.13
C LEU A 352 -8.88 -6.95 4.01
N GLU A 353 -8.53 -8.15 4.49
CA GLU A 353 -7.38 -8.29 5.38
C GLU A 353 -6.13 -8.95 4.82
N THR A 354 -5.07 -8.16 4.69
CA THR A 354 -3.77 -8.66 4.21
C THR A 354 -3.38 -9.81 5.13
N GLU A 355 -3.68 -9.62 6.41
CA GLU A 355 -3.42 -10.56 7.49
C GLU A 355 -3.86 -11.98 7.14
N LEU A 356 -4.93 -12.07 6.33
CA LEU A 356 -5.45 -13.36 5.92
C LEU A 356 -4.84 -13.76 4.57
N PHE A 357 -5.23 -13.02 3.52
CA PHE A 357 -4.80 -13.22 2.13
C PHE A 357 -4.05 -14.50 1.76
N TYR A 358 -2.73 -14.48 1.93
CA TYR A 358 -1.85 -15.60 1.59
C TYR A 358 -2.29 -16.96 2.10
N LYS A 359 -3.00 -16.97 3.22
CA LYS A 359 -3.50 -18.22 3.80
C LYS A 359 -4.41 -18.94 2.83
N GLY A 360 -4.86 -18.21 1.82
CA GLY A 360 -5.77 -18.73 0.82
C GLY A 360 -7.11 -18.07 1.07
N ILE A 361 -7.23 -17.49 2.26
CA ILE A 361 -8.45 -16.81 2.71
C ILE A 361 -8.64 -15.49 2.00
N ARG A 362 -8.92 -15.55 0.70
CA ARG A 362 -9.15 -14.38 -0.13
C ARG A 362 -10.58 -14.54 -0.67
N PRO A 363 -11.33 -13.43 -0.81
CA PRO A 363 -11.05 -12.01 -0.55
C PRO A 363 -10.59 -11.60 0.84
N ALA A 364 -10.89 -12.43 1.84
CA ALA A 364 -10.51 -12.13 3.23
C ALA A 364 -11.37 -10.98 3.78
N ILE A 365 -12.61 -11.30 4.15
CA ILE A 365 -13.53 -10.31 4.69
C ILE A 365 -13.83 -10.63 6.15
N ASN A 366 -13.56 -9.65 7.02
CA ASN A 366 -13.78 -9.83 8.45
C ASN A 366 -15.20 -9.63 8.95
N VAL A 367 -15.95 -10.72 8.95
CA VAL A 367 -17.33 -10.74 9.43
C VAL A 367 -17.25 -10.30 10.88
N GLY A 368 -18.05 -9.30 11.23
CA GLY A 368 -18.06 -8.79 12.59
C GLY A 368 -17.59 -7.35 12.56
N LEU A 369 -16.57 -7.11 11.74
CA LEU A 369 -16.01 -5.77 11.56
C LEU A 369 -16.33 -5.38 10.13
N SER A 370 -17.55 -5.70 9.72
CA SER A 370 -18.05 -5.43 8.38
C SER A 370 -19.52 -5.83 8.36
N VAL A 371 -20.29 -5.26 7.43
CA VAL A 371 -21.72 -5.57 7.29
C VAL A 371 -22.23 -5.08 5.94
N SER A 372 -23.41 -5.54 5.56
CA SER A 372 -24.03 -5.10 4.30
C SER A 372 -24.86 -3.88 4.67
N ARG A 373 -25.24 -3.82 5.95
CA ARG A 373 -26.04 -2.76 6.55
C ARG A 373 -27.45 -2.55 5.99
N VAL A 374 -27.55 -2.39 4.68
CA VAL A 374 -28.84 -2.19 4.04
C VAL A 374 -29.81 -3.36 4.29
N GLY A 375 -29.31 -4.43 4.90
CA GLY A 375 -30.15 -5.58 5.20
C GLY A 375 -30.38 -6.50 4.03
N SER A 376 -31.20 -7.53 4.26
CA SER A 376 -31.53 -8.54 3.26
C SER A 376 -32.09 -8.04 1.91
N ALA A 377 -32.43 -6.76 1.85
CA ALA A 377 -32.99 -6.13 0.65
C ALA A 377 -32.18 -6.38 -0.63
N ALA A 378 -30.85 -6.25 -0.52
CA ALA A 378 -29.96 -6.45 -1.68
C ALA A 378 -29.94 -7.90 -2.16
N GLN A 379 -29.63 -8.81 -1.23
CA GLN A 379 -29.58 -10.24 -1.52
C GLN A 379 -30.95 -10.74 -1.98
N THR A 380 -31.04 -11.05 -3.28
CA THR A 380 -32.29 -11.52 -3.85
C THR A 380 -32.75 -12.80 -3.17
N ARG A 381 -33.99 -13.18 -3.45
CA ARG A 381 -34.61 -14.37 -2.89
C ARG A 381 -33.63 -15.55 -2.93
N ALA A 382 -32.70 -15.51 -3.88
CA ALA A 382 -31.68 -16.53 -4.03
C ALA A 382 -30.81 -16.60 -2.77
N MET A 383 -30.14 -15.49 -2.46
CA MET A 383 -29.28 -15.45 -1.28
C MET A 383 -30.10 -15.52 -0.01
N LYS A 384 -31.29 -14.94 -0.02
CA LYS A 384 -32.13 -14.98 1.18
C LYS A 384 -32.57 -16.42 1.43
N GLN A 385 -32.35 -17.28 0.43
CA GLN A 385 -32.68 -18.70 0.52
C GLN A 385 -31.45 -19.48 0.94
N VAL A 386 -30.28 -18.98 0.54
CA VAL A 386 -29.01 -19.64 0.86
C VAL A 386 -28.10 -18.85 1.80
N ALA A 387 -27.61 -17.71 1.31
CA ALA A 387 -26.70 -16.85 2.06
C ALA A 387 -27.21 -16.38 3.41
N GLY A 388 -28.52 -16.45 3.61
CA GLY A 388 -29.11 -16.01 4.87
C GLY A 388 -28.41 -16.54 6.11
N THR A 389 -27.79 -17.72 5.99
CA THR A 389 -27.07 -18.34 7.10
C THR A 389 -25.57 -18.02 7.06
N MET A 390 -25.00 -18.11 5.86
CA MET A 390 -23.58 -17.89 5.60
C MET A 390 -22.79 -16.90 6.45
N LYS A 391 -23.08 -15.61 6.33
CA LYS A 391 -22.33 -14.58 7.07
C LYS A 391 -22.41 -14.65 8.60
N LEU A 392 -23.63 -14.70 9.15
CA LEU A 392 -23.80 -14.77 10.60
C LEU A 392 -23.37 -16.12 11.18
N GLU A 393 -23.23 -17.12 10.29
CA GLU A 393 -22.78 -18.45 10.68
C GLU A 393 -21.36 -18.24 11.15
N LEU A 394 -20.65 -17.37 10.43
CA LEU A 394 -19.26 -17.05 10.69
C LEU A 394 -19.06 -16.00 11.79
N ALA A 395 -20.05 -15.14 11.99
CA ALA A 395 -19.98 -14.10 13.02
C ALA A 395 -19.51 -14.64 14.36
N GLN A 396 -20.39 -15.32 15.09
CA GLN A 396 -20.03 -15.90 16.39
C GLN A 396 -18.96 -16.98 16.20
N TYR A 397 -18.99 -17.64 15.05
CA TYR A 397 -18.05 -18.70 14.70
C TYR A 397 -16.60 -18.25 14.92
N ARG A 398 -16.38 -16.93 14.92
CA ARG A 398 -15.05 -16.36 15.14
C ARG A 398 -14.49 -16.90 16.46
N GLU A 399 -15.39 -17.27 17.35
CA GLU A 399 -15.06 -17.83 18.65
C GLU A 399 -14.68 -19.31 18.52
N VAL A 400 -15.64 -20.15 18.15
CA VAL A 400 -15.39 -21.58 18.01
C VAL A 400 -14.28 -21.93 17.02
N ALA A 401 -14.05 -21.07 16.03
CA ALA A 401 -12.99 -21.29 15.05
C ALA A 401 -11.66 -21.01 15.77
N ALA A 402 -11.72 -20.08 16.71
CA ALA A 402 -10.54 -19.71 17.50
C ALA A 402 -10.59 -20.40 18.86
N PHE A 403 -11.37 -21.47 18.95
CA PHE A 403 -11.50 -22.21 20.20
C PHE A 403 -11.30 -23.71 20.01
N ALA A 404 -11.83 -24.24 18.91
CA ALA A 404 -11.73 -25.66 18.59
C ALA A 404 -10.29 -26.16 18.63
N GLN A 405 -9.35 -25.27 18.37
CA GLN A 405 -7.92 -25.61 18.37
C GLN A 405 -7.42 -26.10 19.72
N PHE A 406 -8.26 -26.00 20.74
CA PHE A 406 -7.90 -26.45 22.08
C PHE A 406 -9.10 -27.00 22.82
N GLY A 407 -9.98 -27.69 22.09
CA GLY A 407 -11.16 -28.28 22.69
C GLY A 407 -10.96 -29.75 23.07
N SER A 408 -11.64 -30.19 24.12
CA SER A 408 -11.52 -31.58 24.57
C SER A 408 -12.83 -32.13 25.16
N ASP A 409 -12.90 -32.30 26.47
CA ASP A 409 -14.10 -32.83 27.11
C ASP A 409 -15.18 -31.74 27.14
N LEU A 410 -15.84 -31.52 26.00
CA LEU A 410 -16.88 -30.51 25.86
C LEU A 410 -18.09 -31.16 25.18
N ASP A 411 -18.83 -30.37 24.41
CA ASP A 411 -20.01 -30.86 23.69
C ASP A 411 -19.53 -31.67 22.48
N ALA A 412 -19.48 -32.98 22.64
CA ALA A 412 -19.04 -33.90 21.58
C ALA A 412 -19.49 -33.48 20.18
N ALA A 413 -20.79 -33.59 19.93
CA ALA A 413 -21.35 -33.27 18.64
C ALA A 413 -21.18 -31.83 18.17
N THR A 414 -20.71 -30.93 19.04
CA THR A 414 -20.55 -29.52 18.66
C THR A 414 -19.76 -29.39 17.35
N GLN A 415 -18.92 -30.40 17.10
CA GLN A 415 -18.09 -30.47 15.90
C GLN A 415 -18.81 -30.02 14.62
N GLN A 416 -20.13 -30.20 14.57
CA GLN A 416 -20.90 -29.81 13.40
C GLN A 416 -20.73 -28.35 13.03
N LEU A 417 -21.03 -27.46 13.97
CA LEU A 417 -20.93 -26.02 13.74
C LEU A 417 -19.55 -25.54 13.29
N LEU A 418 -18.53 -26.33 13.58
CA LEU A 418 -17.16 -26.00 13.20
C LEU A 418 -16.91 -26.59 11.82
N SER A 419 -17.47 -27.79 11.58
CA SER A 419 -17.32 -28.49 10.32
C SER A 419 -17.95 -27.71 9.18
N ARG A 420 -18.97 -26.91 9.50
CA ARG A 420 -19.63 -26.11 8.48
C ARG A 420 -18.78 -24.91 8.07
N GLY A 421 -17.63 -24.77 8.73
CA GLY A 421 -16.72 -23.67 8.42
C GLY A 421 -15.59 -24.04 7.49
N VAL A 422 -14.76 -25.00 7.91
CA VAL A 422 -13.60 -25.46 7.12
C VAL A 422 -13.97 -25.83 5.68
N ARG A 423 -14.95 -26.72 5.55
CA ARG A 423 -15.42 -27.19 4.25
C ARG A 423 -15.90 -26.01 3.41
N LEU A 424 -16.78 -25.22 3.99
CA LEU A 424 -17.37 -24.06 3.34
C LEU A 424 -16.28 -23.09 2.88
N THR A 425 -15.25 -22.92 3.70
CA THR A 425 -14.14 -22.02 3.42
C THR A 425 -13.59 -22.12 1.99
N GLU A 426 -13.23 -23.33 1.56
CA GLU A 426 -12.69 -23.53 0.22
C GLU A 426 -13.58 -23.10 -0.93
N LEU A 427 -14.84 -22.81 -0.62
CA LEU A 427 -15.78 -22.36 -1.64
C LEU A 427 -15.99 -20.86 -1.51
N LEU A 428 -15.97 -20.38 -0.27
CA LEU A 428 -16.17 -18.96 0.02
C LEU A 428 -14.96 -18.10 -0.39
N LYS A 429 -13.85 -18.74 -0.75
CA LYS A 429 -12.65 -17.99 -1.14
C LYS A 429 -12.57 -17.73 -2.64
N GLN A 430 -13.35 -16.77 -3.10
CA GLN A 430 -13.36 -16.39 -4.52
C GLN A 430 -12.03 -15.75 -4.89
N GLY A 431 -11.59 -16.00 -6.12
CA GLY A 431 -10.34 -15.42 -6.58
C GLY A 431 -9.92 -15.82 -7.99
N GLN A 432 -10.17 -14.93 -8.96
CA GLN A 432 -9.82 -15.18 -10.35
C GLN A 432 -10.28 -13.98 -11.17
N TYR A 433 -9.78 -13.85 -12.40
CA TYR A 433 -10.15 -12.74 -13.28
C TYR A 433 -11.50 -12.99 -13.97
N SER A 434 -12.39 -13.71 -13.28
CA SER A 434 -13.69 -14.03 -13.85
C SER A 434 -14.83 -14.15 -12.82
N PRO A 435 -15.95 -13.45 -13.06
CA PRO A 435 -17.14 -13.42 -12.22
C PRO A 435 -18.10 -14.59 -12.49
N MET A 436 -18.71 -15.11 -11.43
CA MET A 436 -19.66 -16.22 -11.56
C MET A 436 -21.07 -15.65 -11.46
N ALA A 437 -21.81 -15.72 -12.56
CA ALA A 437 -23.17 -15.21 -12.62
C ALA A 437 -23.99 -15.70 -11.42
N ILE A 438 -24.94 -14.88 -10.99
CA ILE A 438 -25.78 -15.18 -9.83
C ILE A 438 -26.44 -16.56 -9.83
N GLU A 439 -26.84 -17.07 -10.99
CA GLU A 439 -27.45 -18.39 -11.02
C GLU A 439 -26.39 -19.49 -10.86
N GLU A 440 -25.12 -19.14 -11.02
CA GLU A 440 -24.01 -20.07 -10.83
C GLU A 440 -23.67 -20.09 -9.35
N GLN A 441 -23.78 -18.91 -8.73
CA GLN A 441 -23.52 -18.74 -7.31
C GLN A 441 -24.53 -19.66 -6.63
N VAL A 442 -25.73 -19.66 -7.19
CA VAL A 442 -26.84 -20.49 -6.73
C VAL A 442 -26.53 -21.97 -6.89
N ALA A 443 -25.67 -22.30 -7.85
CA ALA A 443 -25.28 -23.70 -8.07
C ALA A 443 -24.37 -24.26 -6.97
N VAL A 444 -23.15 -23.74 -6.91
CA VAL A 444 -22.16 -24.21 -5.93
C VAL A 444 -22.36 -23.85 -4.46
N ILE A 445 -22.33 -22.56 -4.12
CA ILE A 445 -22.47 -22.16 -2.72
C ILE A 445 -23.72 -22.73 -2.05
N TYR A 446 -24.83 -22.72 -2.79
CA TYR A 446 -26.09 -23.23 -2.28
C TYR A 446 -25.93 -24.66 -1.80
N ALA A 447 -25.20 -25.46 -2.56
CA ALA A 447 -24.97 -26.86 -2.21
C ALA A 447 -24.38 -27.01 -0.81
N GLY A 448 -23.57 -26.02 -0.42
CA GLY A 448 -22.95 -26.04 0.89
C GLY A 448 -23.89 -25.81 2.05
N VAL A 449 -24.62 -24.69 2.00
CA VAL A 449 -25.58 -24.34 3.06
C VAL A 449 -26.49 -25.53 3.34
N ARG A 450 -26.80 -26.27 2.27
CA ARG A 450 -27.62 -27.45 2.39
C ARG A 450 -26.62 -28.60 2.54
N GLY A 451 -26.03 -28.68 3.73
CA GLY A 451 -25.03 -29.69 4.05
C GLY A 451 -25.06 -30.99 3.28
N TYR A 452 -24.40 -31.01 2.13
CA TYR A 452 -24.32 -32.19 1.29
C TYR A 452 -22.86 -32.59 1.04
N LEU A 453 -22.03 -31.61 0.66
CA LEU A 453 -20.61 -31.85 0.42
C LEU A 453 -19.97 -32.16 1.79
N ASP A 454 -20.06 -31.19 2.68
CA ASP A 454 -19.55 -31.23 4.06
C ASP A 454 -18.48 -32.27 4.43
N LYS A 455 -18.90 -33.30 5.14
CA LYS A 455 -18.05 -34.39 5.64
C LYS A 455 -16.80 -34.74 4.85
N LEU A 456 -16.90 -34.74 3.52
CA LEU A 456 -15.76 -35.08 2.68
C LEU A 456 -14.52 -34.26 3.03
N GLU A 457 -13.36 -34.91 2.97
CA GLU A 457 -12.13 -34.20 3.26
C GLU A 457 -11.99 -33.11 2.21
N PRO A 458 -11.97 -31.84 2.65
CA PRO A 458 -11.83 -30.62 1.84
C PRO A 458 -10.71 -30.62 0.79
N SER A 459 -10.11 -29.46 0.59
CA SER A 459 -9.02 -29.29 -0.38
C SER A 459 -9.53 -29.43 -1.80
N LYS A 460 -10.02 -30.62 -2.15
CA LYS A 460 -10.56 -30.87 -3.49
C LYS A 460 -11.85 -30.09 -3.76
N ILE A 461 -12.33 -29.38 -2.75
CA ILE A 461 -13.55 -28.58 -2.88
C ILE A 461 -13.42 -27.60 -4.03
N THR A 462 -12.26 -26.95 -4.13
CA THR A 462 -12.01 -25.99 -5.20
C THR A 462 -12.19 -26.68 -6.56
N LYS A 463 -11.81 -27.95 -6.62
CA LYS A 463 -11.96 -28.73 -7.85
C LYS A 463 -13.45 -28.71 -8.21
N PHE A 464 -14.31 -28.75 -7.20
CA PHE A 464 -15.76 -28.72 -7.41
C PHE A 464 -16.17 -27.37 -7.95
N GLU A 465 -15.95 -26.31 -7.16
CA GLU A 465 -16.34 -24.95 -7.57
C GLU A 465 -15.82 -24.54 -8.94
N SER A 466 -14.89 -25.31 -9.50
CA SER A 466 -14.36 -25.03 -10.82
C SER A 466 -15.04 -25.98 -11.82
N ALA A 467 -14.97 -27.27 -11.54
CA ALA A 467 -15.55 -28.31 -12.38
C ALA A 467 -17.08 -28.28 -12.41
N PHE A 468 -17.71 -28.22 -11.24
CA PHE A 468 -19.18 -28.16 -11.13
C PHE A 468 -19.76 -27.27 -12.23
N LEU A 469 -19.09 -26.16 -12.49
CA LEU A 469 -19.51 -25.19 -13.49
C LEU A 469 -19.45 -25.81 -14.89
N SER A 470 -18.31 -26.39 -15.25
CA SER A 470 -18.13 -27.02 -16.55
C SER A 470 -19.17 -28.13 -16.65
N HIS A 471 -19.37 -28.81 -15.52
CA HIS A 471 -20.32 -29.90 -15.35
C HIS A 471 -21.74 -29.37 -15.62
N VAL A 472 -21.99 -28.16 -15.16
CA VAL A 472 -23.28 -27.51 -15.34
C VAL A 472 -23.47 -27.26 -16.82
N VAL A 473 -22.73 -26.32 -17.38
CA VAL A 473 -22.87 -25.99 -18.80
C VAL A 473 -22.71 -27.20 -19.74
N SER A 474 -22.16 -28.30 -19.22
CA SER A 474 -21.97 -29.51 -20.01
C SER A 474 -23.19 -30.42 -19.98
N GLN A 475 -23.93 -30.42 -18.86
CA GLN A 475 -25.10 -31.28 -18.72
C GLN A 475 -26.19 -30.74 -17.76
N HIS A 476 -26.18 -29.45 -17.50
CA HIS A 476 -27.14 -28.86 -16.57
C HIS A 476 -27.41 -27.38 -16.88
N GLN A 477 -27.83 -27.11 -18.11
CA GLN A 477 -28.12 -25.74 -18.54
C GLN A 477 -29.55 -25.32 -18.14
N SER A 478 -30.36 -26.29 -17.75
CA SER A 478 -31.75 -26.04 -17.35
C SER A 478 -31.83 -25.35 -16.00
N LEU A 479 -31.28 -26.02 -14.99
CA LEU A 479 -31.27 -25.57 -13.61
C LEU A 479 -31.13 -24.05 -13.47
N LEU A 480 -30.07 -23.50 -14.04
CA LEU A 480 -29.82 -22.06 -13.97
C LEU A 480 -30.99 -21.26 -14.53
N GLY A 481 -31.57 -21.77 -15.62
CA GLY A 481 -32.70 -21.12 -16.26
C GLY A 481 -33.90 -20.99 -15.36
N ASN A 482 -34.06 -21.93 -14.42
CA ASN A 482 -35.17 -21.90 -13.47
C ASN A 482 -35.06 -20.60 -12.67
N ILE A 483 -33.82 -20.12 -12.49
CA ILE A 483 -33.56 -18.87 -11.80
C ILE A 483 -34.07 -17.73 -12.68
N ARG A 484 -33.92 -17.89 -13.99
CA ARG A 484 -34.37 -16.90 -14.95
C ARG A 484 -35.86 -17.03 -15.24
N THR A 485 -36.52 -18.03 -14.63
CA THR A 485 -37.95 -18.23 -14.80
C THR A 485 -38.67 -17.84 -13.51
N ASP A 486 -38.42 -18.63 -12.45
CA ASP A 486 -39.03 -18.41 -11.14
C ASP A 486 -38.24 -17.32 -10.40
N GLY A 487 -36.93 -17.50 -10.31
CA GLY A 487 -36.10 -16.52 -9.63
C GLY A 487 -35.81 -16.92 -8.19
N LYS A 488 -35.46 -18.19 -8.01
CA LYS A 488 -35.16 -18.73 -6.69
C LYS A 488 -34.74 -20.18 -6.94
N ILE A 489 -34.35 -20.91 -5.90
CA ILE A 489 -33.99 -22.30 -6.08
C ILE A 489 -35.31 -23.08 -6.01
N SER A 490 -35.57 -23.88 -7.05
CA SER A 490 -36.79 -24.66 -7.13
C SER A 490 -36.78 -25.90 -6.24
N GLU A 491 -37.97 -26.40 -5.93
CA GLU A 491 -38.15 -27.61 -5.13
C GLU A 491 -37.63 -28.73 -6.03
N GLN A 492 -37.96 -28.60 -7.32
CA GLN A 492 -37.55 -29.55 -8.34
C GLN A 492 -36.02 -29.45 -8.53
N SER A 493 -35.54 -28.26 -8.87
CA SER A 493 -34.12 -28.01 -9.08
C SER A 493 -33.27 -28.40 -7.88
N ASP A 494 -33.80 -28.21 -6.67
CA ASP A 494 -33.05 -28.60 -5.47
C ASP A 494 -32.81 -30.09 -5.57
N ALA A 495 -33.86 -30.82 -5.92
CA ALA A 495 -33.77 -32.27 -6.05
C ALA A 495 -32.66 -32.64 -7.04
N LYS A 496 -32.66 -31.97 -8.19
CA LYS A 496 -31.69 -32.19 -9.26
C LYS A 496 -30.24 -31.86 -8.84
N LEU A 497 -30.02 -30.65 -8.36
CA LEU A 497 -28.70 -30.22 -7.90
C LEU A 497 -28.24 -31.19 -6.82
N LYS A 498 -29.19 -31.62 -6.00
CA LYS A 498 -28.93 -32.57 -4.92
C LYS A 498 -28.38 -33.83 -5.59
N GLU A 499 -29.07 -34.30 -6.63
CA GLU A 499 -28.67 -35.48 -7.37
C GLU A 499 -27.33 -35.32 -8.10
N ILE A 500 -26.80 -34.10 -8.13
CA ILE A 500 -25.52 -33.83 -8.80
C ILE A 500 -24.35 -33.68 -7.81
N VAL A 501 -24.61 -33.03 -6.68
CA VAL A 501 -23.58 -32.82 -5.66
C VAL A 501 -23.36 -34.11 -4.85
N THR A 502 -24.44 -34.86 -4.63
CA THR A 502 -24.34 -36.12 -3.92
C THR A 502 -23.38 -37.06 -4.66
N ASN A 503 -23.48 -37.03 -5.99
CA ASN A 503 -22.63 -37.84 -6.84
C ASN A 503 -21.15 -37.47 -6.68
N PHE A 504 -20.92 -36.19 -6.36
CA PHE A 504 -19.56 -35.69 -6.17
C PHE A 504 -18.93 -36.12 -4.84
N LEU A 505 -19.77 -36.51 -3.89
CA LEU A 505 -19.28 -36.99 -2.59
C LEU A 505 -18.42 -38.20 -2.94
N ALA A 506 -19.02 -39.10 -3.72
CA ALA A 506 -18.37 -40.30 -4.17
C ALA A 506 -17.70 -40.06 -5.53
N GLY A 507 -17.55 -38.79 -5.90
CA GLY A 507 -16.92 -38.44 -7.17
C GLY A 507 -15.42 -38.61 -7.05
N PHE A 508 -14.95 -38.61 -5.80
CA PHE A 508 -13.54 -38.79 -5.45
C PHE A 508 -13.48 -39.74 -4.26
N GLU A 509 -14.58 -40.43 -4.02
CA GLU A 509 -14.65 -41.38 -2.91
C GLU A 509 -14.81 -42.78 -3.43
N PRO A 510 -13.84 -43.65 -3.10
CA PRO A 510 -13.81 -45.06 -3.50
C PRO A 510 -14.62 -45.91 -2.50
N SER B 1 17.11 27.45 -23.42
CA SER B 1 18.08 28.41 -23.93
C SER B 1 18.71 29.24 -22.82
N ALA B 2 17.95 29.47 -21.75
CA ALA B 2 18.40 30.24 -20.59
C ALA B 2 18.92 31.65 -20.89
N ALA B 3 17.99 32.59 -20.99
CA ALA B 3 18.29 34.00 -21.23
C ALA B 3 17.09 34.79 -20.74
N PRO B 4 17.33 35.85 -19.93
CA PRO B 4 16.26 36.68 -19.40
C PRO B 4 15.75 37.78 -20.33
N LYS B 5 15.07 38.76 -19.74
CA LYS B 5 14.51 39.90 -20.47
C LYS B 5 15.55 41.01 -20.58
N ALA B 6 15.20 42.09 -21.28
CA ALA B 6 16.12 43.22 -21.44
C ALA B 6 16.07 44.09 -20.18
N GLY B 7 16.21 43.41 -19.05
CA GLY B 7 16.18 44.05 -17.74
C GLY B 7 16.85 43.11 -16.76
N THR B 8 17.37 43.65 -15.67
CA THR B 8 18.09 42.87 -14.66
C THR B 8 17.44 41.59 -14.12
N ALA B 9 18.15 40.49 -14.31
CA ALA B 9 17.73 39.19 -13.81
C ALA B 9 18.69 38.95 -12.63
N THR B 10 19.09 40.05 -12.01
CA THR B 10 19.99 40.04 -10.85
C THR B 10 19.11 40.43 -9.67
N GLY B 11 19.26 39.67 -8.59
CA GLY B 11 18.50 39.93 -7.38
C GLY B 11 19.45 40.05 -6.20
N GLN B 12 19.16 40.99 -5.30
CA GLN B 12 20.01 41.21 -4.13
C GLN B 12 19.45 40.53 -2.91
N ILE B 13 20.16 39.51 -2.43
CA ILE B 13 19.79 38.75 -1.25
C ILE B 13 19.30 39.66 -0.14
N VAL B 14 18.04 39.47 0.24
CA VAL B 14 17.40 40.28 1.30
C VAL B 14 17.31 39.56 2.62
N ALA B 15 17.41 38.24 2.63
CA ALA B 15 17.32 37.52 3.88
C ALA B 15 17.84 36.11 3.85
N VAL B 16 18.80 35.81 4.69
CA VAL B 16 19.29 34.44 4.69
C VAL B 16 18.90 33.93 6.05
N ILE B 17 18.40 32.69 6.13
CA ILE B 17 18.01 32.10 7.41
C ILE B 17 18.26 30.62 7.14
N GLY B 18 19.39 30.09 7.61
CA GLY B 18 19.67 28.68 7.33
C GLY B 18 19.59 28.26 5.85
N ALA B 19 18.87 27.16 5.57
CA ALA B 19 18.73 26.63 4.18
C ALA B 19 17.76 27.41 3.30
N VAL B 20 17.48 28.65 3.68
CA VAL B 20 16.55 29.47 2.90
C VAL B 20 17.09 30.88 2.73
N VAL B 21 17.16 31.32 1.47
CA VAL B 21 17.69 32.62 1.09
C VAL B 21 16.68 33.35 0.22
N ASP B 22 15.97 34.32 0.80
CA ASP B 22 15.00 35.10 0.07
C ASP B 22 15.82 36.03 -0.80
N VAL B 23 15.39 36.23 -2.05
CA VAL B 23 16.10 37.13 -2.99
C VAL B 23 15.05 38.10 -3.57
N GLN B 24 15.50 39.24 -4.09
CA GLN B 24 14.56 40.27 -4.56
C GLN B 24 14.97 40.94 -5.91
N PHE B 25 14.26 40.58 -6.96
CA PHE B 25 14.58 41.08 -8.29
C PHE B 25 13.76 42.27 -8.72
N ASP B 26 14.43 43.30 -9.21
CA ASP B 26 13.71 44.50 -9.61
C ASP B 26 13.25 44.64 -11.05
N GLU B 27 13.92 43.92 -11.96
CA GLU B 27 13.60 44.01 -13.38
C GLU B 27 13.64 42.64 -14.05
N GLY B 28 13.27 41.59 -13.33
CA GLY B 28 13.27 40.26 -13.94
C GLY B 28 12.93 39.06 -13.06
N LEU B 29 11.76 39.11 -12.42
CA LEU B 29 11.39 38.02 -11.53
C LEU B 29 11.50 36.56 -12.08
N PRO B 30 12.51 35.79 -11.61
CA PRO B 30 12.86 34.40 -11.91
C PRO B 30 11.94 33.34 -11.32
N PRO B 31 11.21 32.61 -12.18
CA PRO B 31 10.24 31.54 -11.93
C PRO B 31 10.47 30.46 -10.84
N ILE B 32 9.39 29.86 -10.35
CA ILE B 32 9.54 28.78 -9.37
C ILE B 32 10.42 27.71 -10.05
N LEU B 33 11.26 27.04 -9.27
CA LEU B 33 12.09 25.97 -9.82
C LEU B 33 13.42 26.35 -10.52
N ASN B 34 13.57 27.62 -10.91
CA ASN B 34 14.80 28.12 -11.53
C ASN B 34 15.99 28.07 -10.62
N ALA B 35 17.05 27.50 -11.18
CA ALA B 35 18.34 27.38 -10.52
C ALA B 35 18.98 28.78 -10.56
N LEU B 36 19.41 29.30 -9.41
CA LEU B 36 20.02 30.64 -9.38
C LEU B 36 21.52 30.61 -9.09
N GLU B 37 22.18 31.74 -9.36
CA GLU B 37 23.62 31.84 -9.19
C GLU B 37 24.10 32.92 -8.23
N VAL B 38 24.58 32.53 -7.06
CA VAL B 38 25.11 33.50 -6.11
C VAL B 38 26.45 34.08 -6.60
N GLN B 39 26.49 35.40 -6.76
CA GLN B 39 27.71 36.10 -7.17
C GLN B 39 28.55 36.28 -5.88
N GLY B 40 29.49 37.22 -5.88
CA GLY B 40 30.32 37.45 -4.70
C GLY B 40 30.91 36.20 -4.03
N ARG B 41 30.62 35.03 -4.59
CA ARG B 41 31.07 33.74 -4.04
C ARG B 41 32.50 33.34 -4.27
N GLU B 42 32.90 32.28 -3.57
CA GLU B 42 34.23 31.69 -3.65
C GLU B 42 34.02 30.22 -4.02
N SER B 43 32.98 29.98 -4.82
CA SER B 43 32.61 28.62 -5.22
C SER B 43 31.28 28.66 -6.03
N ARG B 44 30.51 27.58 -5.95
CA ARG B 44 29.26 27.47 -6.65
C ARG B 44 28.11 27.41 -5.68
N LEU B 45 27.30 28.47 -5.61
CA LEU B 45 26.11 28.55 -4.71
C LEU B 45 24.83 28.77 -5.48
N VAL B 46 24.23 27.68 -5.93
CA VAL B 46 22.97 27.78 -6.66
C VAL B 46 21.77 27.68 -5.69
N LEU B 47 20.90 28.68 -5.74
CA LEU B 47 19.73 28.71 -4.88
C LEU B 47 18.53 28.48 -5.79
N GLU B 48 17.84 27.36 -5.61
CA GLU B 48 16.67 27.07 -6.46
C GLU B 48 15.41 27.87 -6.04
N VAL B 49 14.86 28.70 -6.93
CA VAL B 49 13.68 29.49 -6.58
C VAL B 49 12.58 28.55 -6.15
N ALA B 50 11.73 28.99 -5.21
CA ALA B 50 10.68 28.16 -4.67
C ALA B 50 9.31 28.81 -4.54
N GLN B 51 9.25 30.12 -4.31
CA GLN B 51 7.98 30.81 -4.14
C GLN B 51 8.11 32.22 -4.65
N HIS B 52 6.98 32.85 -4.92
CA HIS B 52 6.99 34.20 -5.47
C HIS B 52 6.41 35.29 -4.59
N LEU B 53 6.74 35.18 -3.30
CA LEU B 53 6.37 36.05 -2.18
C LEU B 53 5.80 37.47 -2.42
N GLY B 54 5.99 38.05 -3.58
CA GLY B 54 5.44 39.37 -3.78
C GLY B 54 6.51 40.39 -3.48
N GLU B 55 6.14 41.67 -3.53
CA GLU B 55 7.09 42.73 -3.24
C GLU B 55 8.33 42.43 -4.06
N SER B 56 8.08 41.93 -5.29
CA SER B 56 9.10 41.54 -6.27
C SER B 56 10.24 40.78 -5.62
N THR B 57 9.89 39.61 -5.07
CA THR B 57 10.85 38.82 -4.33
C THR B 57 10.50 37.35 -4.41
N VAL B 58 11.48 36.55 -4.76
CA VAL B 58 11.31 35.11 -4.83
C VAL B 58 11.67 34.56 -3.46
N ARG B 59 12.00 33.28 -3.40
CA ARG B 59 12.35 32.61 -2.14
C ARG B 59 12.93 31.27 -2.59
N THR B 60 14.25 31.19 -2.56
CA THR B 60 14.97 30.02 -3.02
C THR B 60 15.38 29.02 -1.94
N ILE B 61 15.54 27.77 -2.33
CA ILE B 61 15.98 26.69 -1.42
C ILE B 61 17.46 26.41 -1.77
N ALA B 62 18.39 26.94 -0.96
CA ALA B 62 19.86 26.80 -1.16
C ALA B 62 20.45 25.40 -1.33
N MET B 63 21.16 25.23 -2.44
CA MET B 63 21.80 23.95 -2.82
C MET B 63 23.11 23.51 -2.13
N ASP B 64 23.68 24.38 -1.31
CA ASP B 64 24.89 24.06 -0.58
C ASP B 64 25.00 25.07 0.56
N GLY B 65 26.05 24.95 1.37
CA GLY B 65 26.26 25.86 2.48
C GLY B 65 25.85 27.28 2.15
N THR B 66 25.18 27.91 3.10
CA THR B 66 24.74 29.29 2.94
C THR B 66 25.70 30.18 3.71
N GLU B 67 26.69 29.53 4.34
CA GLU B 67 27.76 30.15 5.13
C GLU B 67 28.19 31.50 4.54
N GLY B 68 28.58 32.44 5.40
CA GLY B 68 29.05 33.72 4.90
C GLY B 68 28.15 34.49 3.92
N LEU B 69 26.98 33.99 3.58
CA LEU B 69 26.11 34.74 2.68
C LEU B 69 25.87 36.14 3.23
N VAL B 70 25.63 37.11 2.36
CA VAL B 70 25.40 38.46 2.86
C VAL B 70 24.20 39.19 2.31
N ARG B 71 23.44 39.77 3.20
CA ARG B 71 22.25 40.52 2.83
C ARG B 71 22.60 41.65 1.83
N GLY B 72 22.58 41.31 0.56
CA GLY B 72 22.87 42.29 -0.48
C GLY B 72 23.61 41.68 -1.63
N GLN B 73 24.11 40.46 -1.40
CA GLN B 73 24.84 39.71 -2.41
C GLN B 73 24.02 39.51 -3.64
N LYS B 74 24.65 39.70 -4.79
CA LYS B 74 23.96 39.52 -6.06
C LYS B 74 23.73 38.04 -6.37
N VAL B 75 22.51 37.77 -6.78
CA VAL B 75 22.09 36.44 -7.13
C VAL B 75 21.81 36.53 -8.61
N LEU B 76 22.36 35.58 -9.36
CA LEU B 76 22.23 35.53 -10.82
C LEU B 76 21.12 34.61 -11.27
N ASP B 77 20.31 35.13 -12.19
CA ASP B 77 19.19 34.38 -12.73
C ASP B 77 19.65 33.77 -14.06
N SER B 78 19.72 32.43 -14.07
CA SER B 78 20.13 31.66 -15.23
C SER B 78 19.01 31.60 -16.29
N GLY B 79 17.87 31.05 -15.89
CA GLY B 79 16.73 30.94 -16.78
C GLY B 79 16.26 29.51 -16.94
N ALA B 80 16.62 28.64 -16.01
CA ALA B 80 16.21 27.25 -16.12
C ALA B 80 16.54 26.43 -14.91
N PRO B 81 15.80 25.36 -14.70
CA PRO B 81 16.08 24.53 -13.54
C PRO B 81 17.55 24.12 -13.46
N ILE B 82 17.94 23.58 -12.32
CA ILE B 82 19.27 23.06 -12.12
C ILE B 82 19.33 21.99 -13.19
N LYS B 83 20.16 22.23 -14.22
CA LYS B 83 20.32 21.27 -15.33
C LYS B 83 21.70 20.61 -15.37
N ILE B 84 21.70 19.29 -15.21
CA ILE B 84 22.92 18.50 -15.19
C ILE B 84 23.37 17.97 -16.56
N PRO B 85 24.68 17.70 -16.77
CA PRO B 85 25.12 17.19 -18.09
C PRO B 85 24.67 15.74 -18.21
N VAL B 86 23.71 15.50 -19.09
CA VAL B 86 23.18 14.16 -19.28
C VAL B 86 23.75 13.55 -20.55
N GLY B 87 24.24 12.34 -20.45
CA GLY B 87 24.81 11.71 -21.63
C GLY B 87 25.73 10.54 -21.33
N PRO B 88 26.46 10.05 -22.34
CA PRO B 88 27.35 8.93 -22.08
C PRO B 88 28.61 9.50 -21.44
N GLU B 89 28.90 10.74 -21.83
CA GLU B 89 30.04 11.50 -21.38
C GLU B 89 29.93 11.87 -19.87
N THR B 90 29.24 11.03 -19.10
CA THR B 90 29.06 11.22 -17.66
C THR B 90 28.93 9.84 -17.03
N LEU B 91 29.24 8.77 -17.77
CA LEU B 91 29.15 7.45 -17.16
C LEU B 91 30.53 7.25 -16.57
N GLY B 92 30.64 6.39 -15.57
CA GLY B 92 31.94 6.17 -14.96
C GLY B 92 32.30 7.33 -14.05
N ARG B 93 31.98 8.56 -14.43
CA ARG B 93 32.25 9.75 -13.61
C ARG B 93 31.26 9.82 -12.41
N ILE B 94 31.54 10.75 -11.48
CA ILE B 94 30.74 10.98 -10.27
C ILE B 94 30.31 12.43 -10.24
N MET B 95 29.00 12.69 -10.18
CA MET B 95 28.44 14.04 -10.19
C MET B 95 27.74 14.43 -8.88
N ASN B 96 27.88 15.68 -8.48
CA ASN B 96 27.22 16.17 -7.27
C ASN B 96 25.89 16.76 -7.70
N VAL B 97 25.10 17.20 -6.73
CA VAL B 97 23.75 17.78 -6.93
C VAL B 97 23.58 19.03 -7.81
N ILE B 98 24.39 19.19 -8.85
CA ILE B 98 24.27 20.35 -9.74
C ILE B 98 24.92 20.02 -11.08
N GLY B 99 25.71 18.95 -11.10
CA GLY B 99 26.40 18.60 -12.32
C GLY B 99 27.89 18.90 -12.24
N GLU B 100 28.33 19.28 -11.05
CA GLU B 100 29.74 19.58 -10.80
C GLU B 100 30.41 18.21 -10.64
N PRO B 101 31.59 18.02 -11.23
CA PRO B 101 32.29 16.74 -11.15
C PRO B 101 32.84 16.49 -9.75
N ILE B 102 32.35 15.50 -9.04
CA ILE B 102 32.90 15.34 -7.70
C ILE B 102 33.97 14.30 -7.55
N ASP B 103 34.11 13.42 -8.54
CA ASP B 103 35.14 12.38 -8.47
C ASP B 103 36.51 12.97 -8.79
N GLU B 104 36.53 14.28 -9.01
CA GLU B 104 37.76 15.03 -9.25
C GLU B 104 38.49 14.92 -10.60
N ARG B 105 38.10 13.98 -11.46
CA ARG B 105 38.76 13.83 -12.77
C ARG B 105 38.42 14.93 -13.78
N GLY B 106 38.11 16.13 -13.30
CA GLY B 106 37.82 17.26 -14.19
C GLY B 106 36.52 17.39 -14.94
N PRO B 107 36.41 18.43 -15.79
CA PRO B 107 35.24 18.74 -16.59
C PRO B 107 34.53 17.52 -17.16
N ILE B 108 33.21 17.67 -17.27
CA ILE B 108 32.33 16.65 -17.84
C ILE B 108 32.00 17.29 -19.17
N LYS B 109 32.84 17.00 -20.16
CA LYS B 109 32.62 17.54 -21.50
C LYS B 109 31.36 16.86 -22.04
N THR B 110 30.27 17.61 -22.19
CA THR B 110 29.03 17.04 -22.72
C THR B 110 28.36 17.93 -23.74
N LYS B 111 27.64 17.28 -24.64
CA LYS B 111 26.95 17.93 -25.75
C LYS B 111 25.84 18.87 -25.26
N GLN B 112 25.25 18.55 -24.11
CA GLN B 112 24.18 19.33 -23.52
C GLN B 112 23.94 18.85 -22.09
N PHE B 113 22.92 19.42 -21.45
CA PHE B 113 22.56 19.05 -20.08
C PHE B 113 21.02 19.08 -19.94
N ALA B 114 20.46 18.06 -19.32
CA ALA B 114 19.02 18.01 -19.15
C ALA B 114 18.63 18.73 -17.86
N PRO B 115 17.43 19.33 -17.85
CA PRO B 115 16.90 20.03 -16.68
C PRO B 115 16.55 18.92 -15.69
N ILE B 116 16.62 19.17 -14.38
CA ILE B 116 16.28 18.11 -13.43
C ILE B 116 14.80 18.09 -13.08
N HIS B 117 14.08 19.03 -13.67
CA HIS B 117 12.67 19.16 -13.46
C HIS B 117 12.02 19.01 -14.82
N ALA B 118 11.52 17.81 -15.10
CA ALA B 118 10.88 17.56 -16.39
C ALA B 118 9.48 16.89 -16.27
N GLU B 119 8.64 17.16 -17.26
CA GLU B 119 7.31 16.56 -17.24
C GLU B 119 7.46 15.08 -17.35
N ALA B 120 6.86 14.38 -16.40
CA ALA B 120 6.94 12.93 -16.34
C ALA B 120 6.27 12.28 -17.54
N PRO B 121 6.44 10.94 -17.70
CA PRO B 121 5.83 10.21 -18.82
C PRO B 121 4.34 10.33 -18.62
N GLU B 122 3.62 10.66 -19.69
CA GLU B 122 2.18 10.84 -19.64
C GLU B 122 1.50 9.49 -19.55
N PHE B 123 0.18 9.44 -19.68
CA PHE B 123 -0.54 8.17 -19.56
C PHE B 123 -0.43 7.30 -20.83
N ILE B 124 -0.29 7.95 -22.00
CA ILE B 124 -0.13 7.20 -23.25
C ILE B 124 1.35 7.08 -23.60
N GLU B 125 2.17 7.04 -22.56
CA GLU B 125 3.59 6.88 -22.73
C GLU B 125 3.86 5.53 -22.10
N MET B 126 3.07 5.23 -21.07
CA MET B 126 3.14 4.00 -20.29
C MET B 126 3.13 2.74 -21.11
N SER B 127 3.45 1.64 -20.48
CA SER B 127 3.49 0.34 -21.12
C SER B 127 3.17 -0.76 -20.12
N VAL B 128 2.11 -1.51 -20.38
CA VAL B 128 1.67 -2.57 -19.49
C VAL B 128 2.65 -3.75 -19.41
N GLU B 129 3.40 -3.95 -20.49
CA GLU B 129 4.35 -5.07 -20.60
C GLU B 129 5.25 -5.24 -19.38
N GLN B 130 4.93 -6.26 -18.59
CA GLN B 130 5.68 -6.57 -17.39
C GLN B 130 6.52 -7.83 -17.53
N GLU B 131 7.63 -7.70 -18.25
CA GLU B 131 8.55 -8.82 -18.47
C GLU B 131 9.43 -9.09 -17.24
N ILE B 132 9.44 -10.34 -16.79
CA ILE B 132 10.22 -10.80 -15.62
C ILE B 132 11.71 -10.48 -15.68
N LEU B 133 12.34 -10.46 -14.50
CA LEU B 133 13.80 -10.22 -14.32
C LEU B 133 14.25 -10.87 -13.01
N VAL B 134 14.98 -11.98 -13.12
CA VAL B 134 15.44 -12.73 -11.95
C VAL B 134 16.63 -12.14 -11.20
N THR B 135 16.52 -12.13 -9.87
CA THR B 135 17.58 -11.61 -9.00
C THR B 135 18.32 -12.74 -8.29
N GLY B 136 17.73 -13.93 -8.29
CA GLY B 136 18.37 -15.06 -7.64
C GLY B 136 18.56 -14.80 -6.16
N ILE B 137 17.46 -14.56 -5.45
CA ILE B 137 17.47 -14.28 -4.01
C ILE B 137 16.13 -14.76 -3.47
N LYS B 138 16.15 -15.84 -2.70
CA LYS B 138 14.93 -16.42 -2.13
C LYS B 138 13.70 -15.51 -2.00
N VAL B 139 13.43 -14.98 -0.82
CA VAL B 139 12.25 -14.13 -0.63
C VAL B 139 12.18 -13.03 -1.70
N VAL B 140 13.21 -12.20 -1.73
CA VAL B 140 13.33 -11.09 -2.65
C VAL B 140 13.11 -11.44 -4.13
N ASP B 141 13.23 -12.72 -4.50
CA ASP B 141 13.07 -13.13 -5.90
C ASP B 141 11.86 -14.02 -6.13
N LEU B 142 11.73 -15.03 -5.28
CA LEU B 142 10.64 -15.98 -5.35
C LEU B 142 9.38 -15.43 -4.69
N LEU B 143 9.47 -15.15 -3.39
CA LEU B 143 8.34 -14.63 -2.62
C LEU B 143 7.75 -13.39 -3.32
N ALA B 144 8.34 -12.22 -3.03
CA ALA B 144 7.89 -10.97 -3.62
C ALA B 144 8.81 -10.71 -4.80
N PRO B 145 8.42 -11.18 -6.00
CA PRO B 145 9.19 -11.01 -7.23
C PRO B 145 9.43 -9.58 -7.68
N TYR B 146 10.26 -9.43 -8.71
CA TYR B 146 10.60 -8.14 -9.29
C TYR B 146 10.06 -8.13 -10.71
N ALA B 147 10.64 -7.31 -11.59
CA ALA B 147 10.18 -7.22 -12.98
C ALA B 147 10.89 -6.10 -13.70
N LYS B 148 10.91 -6.17 -15.03
CA LYS B 148 11.52 -5.13 -15.85
C LYS B 148 10.76 -3.84 -15.59
N GLY B 149 11.44 -2.70 -15.70
CA GLY B 149 10.80 -1.43 -15.45
C GLY B 149 10.05 -1.41 -14.13
N GLY B 150 10.30 -2.41 -13.27
CA GLY B 150 9.63 -2.52 -11.98
C GLY B 150 10.11 -1.52 -10.96
N LYS B 151 9.74 -1.72 -9.71
CA LYS B 151 10.15 -0.81 -8.65
C LYS B 151 10.39 -1.57 -7.35
N ILE B 152 11.65 -1.59 -6.93
CA ILE B 152 12.02 -2.27 -5.71
C ILE B 152 11.93 -1.25 -4.59
N GLY B 153 11.86 -1.72 -3.36
CA GLY B 153 11.77 -0.85 -2.22
C GLY B 153 11.92 -1.75 -1.02
N LEU B 154 12.82 -1.38 -0.13
CA LEU B 154 13.08 -2.16 1.07
C LEU B 154 12.69 -1.32 2.27
N PHE B 155 12.11 -1.94 3.30
CA PHE B 155 11.68 -1.21 4.47
C PHE B 155 12.19 -1.71 5.81
N GLY B 156 13.17 -0.98 6.33
CA GLY B 156 13.76 -1.31 7.61
C GLY B 156 14.25 0.03 8.11
N GLY B 157 14.48 0.12 9.43
CA GLY B 157 14.94 1.36 10.03
C GLY B 157 16.42 1.64 9.78
N ALA B 158 17.20 1.66 10.85
CA ALA B 158 18.62 1.92 10.70
C ALA B 158 19.44 0.62 10.74
N GLY B 159 19.91 0.20 9.57
CA GLY B 159 20.71 -0.99 9.46
C GLY B 159 19.99 -2.31 9.71
N VAL B 160 19.44 -2.88 8.64
CA VAL B 160 18.71 -4.15 8.65
C VAL B 160 18.67 -4.69 7.22
N GLY B 161 18.78 -3.76 6.28
CA GLY B 161 18.75 -4.07 4.87
C GLY B 161 18.88 -2.71 4.24
N LYS B 162 18.45 -2.55 2.99
CA LYS B 162 18.54 -1.30 2.24
C LYS B 162 19.89 -1.24 1.55
N THR B 163 20.84 -0.42 2.03
CA THR B 163 22.17 -0.33 1.40
C THR B 163 22.73 -1.71 1.06
N VAL B 164 22.76 -2.60 2.04
CA VAL B 164 23.28 -3.96 1.82
C VAL B 164 22.60 -4.67 0.65
N LEU B 165 21.27 -4.69 0.67
CA LEU B 165 20.49 -5.33 -0.38
C LEU B 165 20.63 -4.60 -1.70
N ILE B 166 20.96 -3.31 -1.64
CA ILE B 166 21.14 -2.55 -2.87
C ILE B 166 22.48 -2.97 -3.50
N MET B 167 23.45 -3.35 -2.67
CA MET B 167 24.74 -3.83 -3.13
C MET B 167 24.55 -5.27 -3.58
N GLU B 168 23.72 -6.01 -2.83
CA GLU B 168 23.39 -7.40 -3.12
C GLU B 168 22.82 -7.47 -4.52
N LEU B 169 21.73 -6.73 -4.73
CA LEU B 169 21.08 -6.64 -6.03
C LEU B 169 22.13 -6.16 -7.02
N ILE B 170 23.02 -5.27 -6.60
CA ILE B 170 24.07 -4.80 -7.49
C ILE B 170 24.87 -6.02 -7.97
N ASN B 171 25.16 -6.94 -7.05
CA ASN B 171 25.91 -8.16 -7.39
C ASN B 171 25.10 -8.97 -8.41
N ASN B 172 24.01 -9.54 -7.91
CA ASN B 172 23.10 -10.37 -8.68
C ASN B 172 22.56 -9.66 -9.91
N VAL B 173 22.73 -8.34 -9.95
CA VAL B 173 22.24 -7.53 -11.07
C VAL B 173 23.32 -6.63 -11.68
N ALA B 174 23.46 -5.40 -11.15
CA ALA B 174 24.40 -4.38 -11.64
C ALA B 174 25.59 -4.84 -12.46
N LYS B 175 26.25 -5.90 -12.02
CA LYS B 175 27.42 -6.44 -12.73
C LYS B 175 27.03 -6.97 -14.12
N ALA B 176 26.07 -7.89 -14.15
CA ALA B 176 25.61 -8.47 -15.40
C ALA B 176 24.20 -7.98 -15.71
N HIS B 177 24.08 -7.20 -16.78
CA HIS B 177 22.81 -6.64 -17.23
C HIS B 177 23.17 -5.83 -18.47
N GLY B 178 22.34 -5.93 -19.50
CA GLY B 178 22.61 -5.18 -20.71
C GLY B 178 22.31 -3.73 -20.41
N GLY B 179 22.59 -2.82 -21.33
CA GLY B 179 22.31 -1.43 -21.06
C GLY B 179 23.22 -0.90 -19.96
N TYR B 180 22.86 0.23 -19.37
CA TYR B 180 23.66 0.87 -18.34
C TYR B 180 23.25 0.62 -16.87
N SER B 181 23.65 1.55 -16.00
CA SER B 181 23.35 1.50 -14.57
C SER B 181 23.61 2.86 -13.94
N VAL B 182 22.83 3.19 -12.92
CA VAL B 182 22.99 4.47 -12.24
C VAL B 182 22.86 4.26 -10.73
N PHE B 183 23.50 5.13 -9.97
CA PHE B 183 23.42 5.04 -8.53
C PHE B 183 23.43 6.43 -7.96
N ALA B 184 22.26 6.87 -7.52
CA ALA B 184 22.07 8.16 -6.89
C ALA B 184 21.96 7.84 -5.40
N GLY B 185 23.00 8.18 -4.66
CA GLY B 185 22.99 7.96 -3.23
C GLY B 185 22.38 9.22 -2.64
N VAL B 186 21.28 9.07 -1.90
CA VAL B 186 20.66 10.25 -1.33
C VAL B 186 20.74 10.20 0.16
N GLY B 187 21.17 11.30 0.76
CA GLY B 187 21.30 11.36 2.20
C GLY B 187 22.42 10.50 2.73
N GLU B 188 22.23 9.18 2.75
CA GLU B 188 23.21 8.23 3.27
C GLU B 188 24.71 8.52 3.29
N ARG B 189 25.44 7.66 4.00
CA ARG B 189 26.90 7.75 4.20
C ARG B 189 27.77 8.09 2.99
N THR B 190 28.86 8.82 3.24
CA THR B 190 29.86 9.18 2.22
C THR B 190 30.86 8.03 2.14
N ARG B 191 30.99 7.28 3.23
CA ARG B 191 31.90 6.12 3.31
C ARG B 191 31.50 5.13 2.21
N GLU B 192 30.29 4.59 2.35
CA GLU B 192 29.73 3.65 1.40
C GLU B 192 29.89 4.24 0.00
N GLY B 193 29.64 5.54 -0.15
CA GLY B 193 29.76 6.21 -1.44
C GLY B 193 31.16 6.14 -2.04
N ASN B 194 32.19 6.13 -1.18
CA ASN B 194 33.60 6.03 -1.58
C ASN B 194 33.95 4.59 -1.89
N ASP B 195 33.70 3.69 -0.95
CA ASP B 195 34.01 2.29 -1.15
C ASP B 195 33.35 1.89 -2.46
N LEU B 196 32.03 2.07 -2.53
CA LEU B 196 31.25 1.76 -3.72
C LEU B 196 31.98 2.22 -4.99
N TYR B 197 32.61 3.38 -4.92
CA TYR B 197 33.38 3.89 -6.04
C TYR B 197 34.50 2.89 -6.27
N HIS B 198 35.37 2.77 -5.27
CA HIS B 198 36.50 1.90 -5.39
C HIS B 198 36.18 0.46 -5.71
N GLU B 199 35.07 -0.04 -5.19
CA GLU B 199 34.68 -1.41 -5.46
C GLU B 199 34.31 -1.46 -6.94
N MET B 200 33.73 -0.37 -7.41
CA MET B 200 33.36 -0.25 -8.81
C MET B 200 34.56 -0.05 -9.71
N ILE B 201 35.74 0.08 -9.10
CA ILE B 201 36.99 0.22 -9.84
C ILE B 201 37.66 -1.16 -9.84
N GLU B 202 37.79 -1.72 -8.65
CA GLU B 202 38.40 -3.02 -8.44
C GLU B 202 37.71 -4.05 -9.33
N SER B 203 36.41 -3.91 -9.55
CA SER B 203 35.68 -4.85 -10.40
C SER B 203 35.40 -4.43 -11.85
N GLY B 204 36.10 -3.39 -12.34
CA GLY B 204 35.93 -2.98 -13.73
C GLY B 204 34.79 -2.04 -14.08
N VAL B 205 33.59 -2.35 -13.55
CA VAL B 205 32.33 -1.57 -13.71
C VAL B 205 32.61 -0.09 -14.04
N ILE B 206 33.52 0.47 -13.24
CA ILE B 206 33.99 1.83 -13.38
C ILE B 206 35.42 1.58 -13.77
N ASN B 207 35.76 2.01 -14.97
CA ASN B 207 37.11 1.87 -15.50
C ASN B 207 37.54 3.29 -15.78
N LEU B 208 38.65 3.69 -15.17
CA LEU B 208 39.18 5.03 -15.34
C LEU B 208 40.00 5.17 -16.63
N LYS B 209 40.40 4.03 -17.20
CA LYS B 209 41.21 4.07 -18.40
C LYS B 209 40.47 4.05 -19.74
N ASP B 210 40.10 2.86 -20.18
CA ASP B 210 39.45 2.71 -21.48
C ASP B 210 38.26 3.63 -21.72
N ALA B 211 37.06 3.06 -21.54
CA ALA B 211 35.76 3.74 -21.71
C ALA B 211 34.80 2.58 -21.69
N THR B 212 34.89 1.78 -20.65
CA THR B 212 34.03 0.63 -20.55
C THR B 212 33.20 0.73 -19.28
N SER B 213 32.67 1.93 -19.03
CA SER B 213 31.84 2.19 -17.87
C SER B 213 30.33 2.24 -18.19
N LYS B 214 29.60 1.33 -17.55
CA LYS B 214 28.15 1.20 -17.72
C LYS B 214 27.32 1.98 -16.68
N VAL B 215 27.93 2.27 -15.52
CA VAL B 215 27.24 3.02 -14.46
C VAL B 215 27.57 4.53 -14.49
N ALA B 216 26.80 5.32 -13.73
CA ALA B 216 26.97 6.78 -13.60
C ALA B 216 26.76 7.05 -12.11
N LEU B 217 27.54 7.95 -11.51
CA LEU B 217 27.41 8.18 -10.08
C LEU B 217 26.94 9.55 -9.65
N VAL B 218 25.65 9.69 -9.38
CA VAL B 218 25.16 10.96 -8.93
C VAL B 218 24.97 10.89 -7.43
N TYR B 219 25.66 11.79 -6.73
CA TYR B 219 25.67 11.87 -5.28
C TYR B 219 25.28 13.22 -4.67
N GLY B 220 24.64 13.12 -3.51
CA GLY B 220 24.18 14.26 -2.73
C GLY B 220 23.79 13.70 -1.37
N GLN B 221 24.71 13.82 -0.41
CA GLN B 221 24.48 13.25 0.90
C GLN B 221 24.53 14.13 2.14
N MET B 222 24.53 13.43 3.28
CA MET B 222 24.55 13.93 4.64
C MET B 222 25.33 15.18 4.98
N ASN B 223 26.63 15.22 4.75
CA ASN B 223 27.34 16.45 5.09
C ASN B 223 26.79 17.72 4.40
N GLU B 224 25.69 17.57 3.64
CA GLU B 224 25.07 18.68 2.90
C GLU B 224 23.73 19.23 3.44
N PRO B 225 23.31 20.40 2.96
CA PRO B 225 22.03 20.90 3.46
C PRO B 225 20.92 20.07 2.80
N PRO B 226 19.65 20.27 3.20
CA PRO B 226 18.49 19.55 2.65
C PRO B 226 18.17 19.86 1.17
N GLY B 227 18.42 21.10 0.75
CA GLY B 227 18.16 21.46 -0.63
C GLY B 227 18.97 20.68 -1.66
N ALA B 228 19.93 19.90 -1.20
CA ALA B 228 20.76 19.15 -2.12
C ALA B 228 20.36 17.71 -2.02
N ARG B 229 20.04 17.24 -0.82
CA ARG B 229 19.60 15.84 -0.65
C ARG B 229 18.25 15.69 -1.30
N ALA B 230 17.57 16.82 -1.46
CA ALA B 230 16.26 16.89 -2.10
C ALA B 230 16.36 16.62 -3.58
N ARG B 231 17.33 17.27 -4.25
CA ARG B 231 17.45 17.11 -5.70
C ARG B 231 18.44 16.07 -6.18
N VAL B 232 19.35 15.64 -5.31
CA VAL B 232 20.31 14.64 -5.75
C VAL B 232 19.58 13.44 -6.37
N ALA B 233 18.61 12.87 -5.64
CA ALA B 233 17.84 11.71 -6.15
C ALA B 233 17.18 12.07 -7.48
N LEU B 234 16.98 13.37 -7.69
CA LEU B 234 16.38 13.86 -8.92
C LEU B 234 17.37 13.72 -10.08
N THR B 235 18.61 14.17 -9.86
CA THR B 235 19.71 14.11 -10.86
C THR B 235 20.06 12.68 -11.23
N GLY B 236 20.17 11.83 -10.22
CA GLY B 236 20.44 10.43 -10.46
C GLY B 236 19.25 9.85 -11.18
N LEU B 237 18.21 10.66 -11.30
CA LEU B 237 17.01 10.24 -11.99
C LEU B 237 16.98 10.97 -13.33
N THR B 238 17.49 12.19 -13.37
CA THR B 238 17.52 12.97 -14.61
C THR B 238 18.54 12.21 -15.48
N VAL B 239 19.36 11.41 -14.81
CA VAL B 239 20.40 10.59 -15.45
C VAL B 239 19.84 9.30 -16.08
N ALA B 240 19.14 8.47 -15.30
CA ALA B 240 18.56 7.23 -15.84
C ALA B 240 17.64 7.52 -17.03
N GLU B 241 16.92 8.63 -16.93
CA GLU B 241 16.00 9.07 -17.98
C GLU B 241 16.67 9.20 -19.35
N TYR B 242 17.52 10.22 -19.54
CA TYR B 242 18.18 10.42 -20.83
C TYR B 242 18.78 9.13 -21.44
N PHE B 243 19.13 8.16 -20.61
CA PHE B 243 19.67 6.93 -21.14
C PHE B 243 18.54 6.11 -21.78
N ARG B 244 17.36 6.16 -21.18
CA ARG B 244 16.18 5.47 -21.69
C ARG B 244 15.58 6.24 -22.86
N ASP B 245 15.18 7.47 -22.63
CA ASP B 245 14.59 8.26 -23.71
C ASP B 245 15.54 8.49 -24.89
N GLN B 246 16.19 9.65 -24.94
CA GLN B 246 17.09 9.99 -26.05
C GLN B 246 18.15 8.95 -26.50
N GLU B 247 18.29 7.86 -25.75
CA GLU B 247 19.28 6.81 -26.04
C GLU B 247 18.61 5.47 -25.70
N GLY B 248 17.37 5.31 -26.18
CA GLY B 248 16.55 4.11 -25.97
C GLY B 248 17.11 2.84 -25.33
N GLN B 249 17.57 2.93 -24.09
CA GLN B 249 18.12 1.75 -23.41
C GLN B 249 17.44 1.41 -22.10
N ASP B 250 17.55 0.14 -21.72
CA ASP B 250 16.92 -0.33 -20.50
C ASP B 250 17.84 -0.12 -19.28
N VAL B 251 17.84 1.11 -18.78
CA VAL B 251 18.66 1.46 -17.63
C VAL B 251 18.10 0.81 -16.38
N LEU B 252 18.80 1.02 -15.28
CA LEU B 252 18.39 0.60 -13.96
C LEU B 252 18.70 1.89 -13.21
N LEU B 253 18.50 1.91 -11.89
CA LEU B 253 18.78 3.12 -11.13
C LEU B 253 18.74 2.80 -9.67
N PHE B 254 19.85 2.99 -8.98
CA PHE B 254 19.92 2.69 -7.56
C PHE B 254 19.87 3.97 -6.75
N ILE B 255 18.82 4.11 -5.95
CA ILE B 255 18.69 5.27 -5.10
C ILE B 255 18.88 4.79 -3.68
N ASP B 256 19.99 5.19 -3.07
CA ASP B 256 20.22 4.80 -1.69
C ASP B 256 19.34 5.74 -0.93
N ASN B 257 18.12 5.26 -0.71
CA ASN B 257 17.06 5.96 -0.03
C ASN B 257 16.52 7.06 -0.95
N ILE B 258 15.26 6.88 -1.35
CA ILE B 258 14.58 7.84 -2.20
C ILE B 258 13.73 8.80 -1.37
N PHE B 259 13.43 8.38 -0.15
CA PHE B 259 12.62 9.18 0.75
C PHE B 259 13.46 10.27 1.39
N ARG B 260 14.74 10.29 0.99
CA ARG B 260 15.61 11.35 1.45
C ARG B 260 15.13 12.63 0.72
N PHE B 261 14.28 12.39 -0.29
CA PHE B 261 13.65 13.44 -1.07
C PHE B 261 12.57 14.08 -0.14
N THR B 262 12.24 13.36 0.94
CA THR B 262 11.24 13.83 1.88
C THR B 262 11.84 14.46 3.13
N GLN B 263 12.93 13.90 3.66
CA GLN B 263 13.56 14.50 4.83
C GLN B 263 13.88 15.94 4.44
N ALA B 264 14.20 16.15 3.17
CA ALA B 264 14.52 17.47 2.64
C ALA B 264 13.37 18.45 2.88
N GLY B 265 12.14 17.94 2.82
CA GLY B 265 10.95 18.75 3.03
C GLY B 265 10.72 18.94 4.52
N SER B 266 11.05 17.91 5.28
CA SER B 266 10.94 17.95 6.73
C SER B 266 11.94 18.97 7.26
N GLU B 267 12.84 19.43 6.39
CA GLU B 267 13.84 20.39 6.77
C GLU B 267 13.67 21.73 6.06
N VAL B 268 12.83 21.79 5.04
CA VAL B 268 12.66 23.05 4.37
C VAL B 268 11.21 23.59 4.33
N SER B 269 10.21 22.72 4.54
CA SER B 269 8.80 23.16 4.56
C SER B 269 8.59 24.35 5.49
N ALA B 270 8.19 24.10 6.74
CA ALA B 270 7.95 25.15 7.73
C ALA B 270 8.86 26.40 7.64
N LEU B 271 10.13 26.20 7.27
CA LEU B 271 11.05 27.33 7.13
C LEU B 271 10.87 28.07 5.80
N LEU B 272 9.86 27.66 5.05
CA LEU B 272 9.50 28.27 3.77
C LEU B 272 8.16 29.06 3.99
N GLY B 273 7.59 28.91 5.19
CA GLY B 273 6.34 29.58 5.54
C GLY B 273 5.16 28.65 5.33
N ARG B 274 5.35 27.39 5.73
CA ARG B 274 4.31 26.38 5.57
C ARG B 274 3.76 25.95 6.91
N ILE B 275 2.56 25.38 6.89
CA ILE B 275 1.90 24.86 8.10
C ILE B 275 2.17 23.34 8.06
N PRO B 276 2.80 22.81 9.11
CA PRO B 276 3.20 21.42 9.34
C PRO B 276 2.09 20.43 9.17
N SER B 277 2.37 19.16 9.46
CA SER B 277 1.38 18.08 9.31
C SER B 277 1.86 16.78 9.95
N ALA B 278 1.45 15.63 9.42
CA ALA B 278 1.83 14.31 9.97
C ALA B 278 3.20 14.27 10.65
N VAL B 279 3.25 14.31 11.99
CA VAL B 279 4.53 14.27 12.71
C VAL B 279 5.29 15.61 12.55
N GLY B 280 4.81 16.44 11.64
CA GLY B 280 5.41 17.73 11.40
C GLY B 280 5.50 17.94 9.91
N TYR B 281 5.98 16.91 9.22
CA TYR B 281 6.19 16.89 7.76
C TYR B 281 5.89 18.11 6.90
N GLN B 282 5.01 17.91 5.93
CA GLN B 282 4.68 18.97 5.00
C GLN B 282 3.36 18.76 4.28
N PRO B 283 2.76 19.84 3.82
CA PRO B 283 1.49 19.64 3.12
C PRO B 283 1.89 19.26 1.68
N THR B 284 2.83 18.31 1.55
CA THR B 284 3.29 17.97 0.22
C THR B 284 3.82 16.58 0.03
N LEU B 285 4.36 15.97 1.10
CA LEU B 285 4.92 14.61 1.06
C LEU B 285 4.33 13.73 0.00
N ALA B 286 3.01 13.85 -0.17
CA ALA B 286 2.27 13.07 -1.13
C ALA B 286 2.72 13.36 -2.57
N THR B 287 2.37 14.53 -3.07
CA THR B 287 2.74 14.95 -4.41
C THR B 287 4.26 14.79 -4.59
N ASP B 288 5.04 14.97 -3.51
CA ASP B 288 6.50 14.82 -3.57
C ASP B 288 6.87 13.40 -3.97
N MET B 289 6.73 12.45 -3.03
CA MET B 289 7.04 11.06 -3.31
C MET B 289 6.31 10.70 -4.60
N GLY B 290 5.28 11.49 -4.90
CA GLY B 290 4.52 11.35 -6.13
C GLY B 290 5.38 11.91 -7.25
N THR B 291 5.07 13.13 -7.71
CA THR B 291 5.77 13.81 -8.81
C THR B 291 7.15 13.28 -9.25
N MET B 292 8.00 12.93 -8.28
CA MET B 292 9.34 12.40 -8.56
C MET B 292 9.25 10.94 -8.94
N GLN B 293 8.80 10.09 -8.03
CA GLN B 293 8.74 8.66 -8.34
C GLN B 293 8.00 8.33 -9.63
N GLU B 294 7.15 9.25 -10.07
CA GLU B 294 6.41 9.13 -11.32
C GLU B 294 7.34 9.52 -12.48
N ARG B 295 8.62 9.16 -12.39
CA ARG B 295 9.64 9.48 -13.40
C ARG B 295 10.46 8.25 -13.74
N ILE B 296 10.79 7.47 -12.73
CA ILE B 296 11.58 6.27 -12.92
C ILE B 296 10.70 5.12 -13.38
N THR B 297 10.13 5.31 -14.57
CA THR B 297 9.22 4.33 -15.17
C THR B 297 9.58 4.18 -16.65
N THR B 298 9.14 3.04 -17.21
CA THR B 298 9.33 2.64 -18.60
C THR B 298 8.58 3.57 -19.55
N THR B 299 8.49 3.20 -20.82
CA THR B 299 7.77 4.01 -21.78
C THR B 299 7.92 3.36 -23.15
N LYS B 300 7.25 3.94 -24.15
CA LYS B 300 7.31 3.47 -25.53
C LYS B 300 8.61 3.93 -26.24
N LYS B 301 9.67 4.13 -25.44
CA LYS B 301 11.00 4.55 -25.92
C LYS B 301 12.10 3.86 -25.12
N GLY B 302 11.77 3.33 -23.94
CA GLY B 302 12.80 2.64 -23.15
C GLY B 302 12.31 2.27 -21.77
N SER B 303 13.07 1.43 -21.07
CA SER B 303 12.70 0.98 -19.73
C SER B 303 13.75 1.37 -18.71
N ILE B 304 13.30 1.52 -17.47
CA ILE B 304 14.15 1.88 -16.32
C ILE B 304 13.85 0.86 -15.21
N THR B 305 14.68 -0.18 -15.11
CA THR B 305 14.51 -1.22 -14.10
C THR B 305 15.00 -0.66 -12.76
N SER B 306 14.46 0.48 -12.35
CA SER B 306 14.87 1.13 -11.11
C SER B 306 14.86 0.31 -9.81
N VAL B 307 15.59 0.83 -8.83
CA VAL B 307 15.72 0.22 -7.51
C VAL B 307 15.88 1.36 -6.51
N GLN B 308 15.06 1.35 -5.45
CA GLN B 308 15.12 2.42 -4.45
C GLN B 308 15.18 1.82 -3.05
N ALA B 309 15.20 2.70 -2.04
CA ALA B 309 15.27 2.27 -0.64
C ALA B 309 14.55 3.32 0.23
N ILE B 310 13.73 2.88 1.16
CA ILE B 310 12.99 3.82 1.99
C ILE B 310 13.12 3.53 3.47
N TYR B 311 13.63 4.54 4.18
CA TYR B 311 13.86 4.47 5.61
C TYR B 311 12.58 4.35 6.45
N VAL B 312 12.72 3.89 7.69
CA VAL B 312 11.59 3.70 8.61
C VAL B 312 11.75 4.44 9.96
N PRO B 313 11.61 5.78 9.94
CA PRO B 313 11.72 6.66 11.11
C PRO B 313 11.05 6.14 12.35
N ALA B 314 11.79 6.19 13.46
CA ALA B 314 11.37 5.70 14.77
C ALA B 314 10.93 4.24 14.75
N ASP B 315 11.34 3.50 13.72
CA ASP B 315 11.01 2.09 13.58
C ASP B 315 9.50 1.99 13.39
N ASP B 316 8.90 3.08 12.95
CA ASP B 316 7.46 3.13 12.75
C ASP B 316 6.98 3.11 11.31
N LEU B 317 6.51 1.95 10.89
CA LEU B 317 5.95 1.81 9.55
C LEU B 317 4.79 2.81 9.51
N THR B 318 4.22 3.08 10.68
CA THR B 318 3.10 4.01 10.87
C THR B 318 3.46 5.47 10.51
N ASP B 319 4.69 5.67 10.08
CA ASP B 319 5.15 6.98 9.69
C ASP B 319 4.69 7.15 8.23
N PRO B 320 4.15 8.32 7.86
CA PRO B 320 3.71 8.52 6.49
C PRO B 320 4.88 8.58 5.51
N ALA B 321 6.03 8.04 5.91
CA ALA B 321 7.22 8.06 5.06
C ALA B 321 7.44 6.72 4.35
N PRO B 322 7.55 5.61 5.09
CA PRO B 322 7.75 4.36 4.35
C PRO B 322 6.40 4.03 3.69
N ALA B 323 5.34 4.33 4.44
CA ALA B 323 3.98 4.11 4.02
C ALA B 323 3.64 4.75 2.67
N THR B 324 3.38 6.05 2.65
CA THR B 324 3.03 6.75 1.42
C THR B 324 3.82 6.25 0.22
N THR B 325 5.03 5.76 0.49
CA THR B 325 5.87 5.24 -0.58
C THR B 325 5.43 3.88 -1.13
N PHE B 326 4.94 3.01 -0.23
CA PHE B 326 4.47 1.66 -0.60
C PHE B 326 3.79 1.62 -1.96
N ALA B 327 2.78 2.48 -2.13
CA ALA B 327 2.01 2.59 -3.37
C ALA B 327 2.84 2.88 -4.63
N HIS B 328 4.16 2.80 -4.52
CA HIS B 328 5.04 3.05 -5.66
C HIS B 328 5.94 1.85 -5.93
N LEU B 329 6.20 1.03 -4.91
CA LEU B 329 7.09 -0.12 -5.09
C LEU B 329 6.49 -1.42 -5.67
N ASP B 330 6.98 -1.78 -6.86
CA ASP B 330 6.58 -2.98 -7.57
C ASP B 330 7.39 -4.13 -6.95
N ALA B 331 7.21 -4.32 -5.64
CA ALA B 331 7.87 -5.34 -4.82
C ALA B 331 8.07 -4.72 -3.44
N THR B 332 7.78 -5.48 -2.38
CA THR B 332 7.93 -4.96 -1.01
C THR B 332 8.83 -5.87 -0.16
N THR B 333 9.47 -5.29 0.85
CA THR B 333 10.36 -6.04 1.72
C THR B 333 10.60 -5.31 3.05
N VAL B 334 9.60 -5.26 3.91
CA VAL B 334 9.76 -4.58 5.20
C VAL B 334 10.56 -5.44 6.17
N LEU B 335 11.86 -5.18 6.23
CA LEU B 335 12.78 -5.90 7.07
C LEU B 335 12.57 -5.58 8.55
N SER B 336 12.36 -6.62 9.34
CA SER B 336 12.09 -6.45 10.77
C SER B 336 13.32 -6.39 11.68
N ARG B 337 13.34 -5.37 12.56
CA ARG B 337 14.41 -5.23 13.54
C ARG B 337 14.19 -6.40 14.49
N ALA B 338 12.92 -6.68 14.78
CA ALA B 338 12.54 -7.80 15.63
C ALA B 338 12.97 -9.10 14.95
N ILE B 339 13.30 -9.01 13.66
CA ILE B 339 13.77 -10.14 12.89
C ILE B 339 15.29 -10.24 13.05
N ALA B 340 15.98 -9.10 12.94
CA ALA B 340 17.44 -9.05 13.07
C ALA B 340 17.91 -9.87 14.27
N GLU B 341 17.15 -9.79 15.36
CA GLU B 341 17.46 -10.52 16.59
C GLU B 341 17.56 -12.00 16.25
N LEU B 342 16.57 -12.46 15.51
CA LEU B 342 16.44 -13.84 15.08
C LEU B 342 17.51 -14.20 14.04
N GLY B 343 18.28 -13.21 13.61
CA GLY B 343 19.33 -13.46 12.63
C GLY B 343 18.84 -13.44 11.21
N ILE B 344 17.60 -13.91 11.01
CA ILE B 344 16.94 -13.99 9.70
C ILE B 344 17.35 -12.87 8.73
N TYR B 345 18.23 -13.19 7.80
CA TYR B 345 18.71 -12.17 6.86
C TYR B 345 18.77 -12.60 5.38
N PRO B 346 18.32 -11.73 4.45
CA PRO B 346 17.77 -10.40 4.75
C PRO B 346 16.54 -10.47 5.66
N ALA B 347 16.26 -9.39 6.38
CA ALA B 347 15.16 -9.36 7.32
C ALA B 347 13.78 -9.20 6.69
N VAL B 348 13.61 -9.68 5.45
CA VAL B 348 12.34 -9.57 4.75
C VAL B 348 11.27 -10.36 5.50
N ASP B 349 10.23 -9.65 5.93
CA ASP B 349 9.14 -10.24 6.71
C ASP B 349 8.01 -10.93 5.92
N PRO B 350 7.51 -12.06 6.45
CA PRO B 350 6.43 -12.91 5.91
C PRO B 350 5.00 -12.37 5.86
N LEU B 351 4.82 -11.09 5.56
CA LEU B 351 3.47 -10.52 5.48
C LEU B 351 3.52 -9.17 4.74
N ASP B 352 4.38 -8.29 5.21
CA ASP B 352 4.51 -6.96 4.63
C ASP B 352 5.46 -6.82 3.43
N SER B 353 5.50 -7.85 2.59
CA SER B 353 6.37 -7.80 1.40
C SER B 353 5.57 -8.26 0.18
N THR B 354 4.69 -7.36 -0.27
CA THR B 354 3.79 -7.60 -1.39
C THR B 354 4.44 -7.55 -2.78
N SER B 355 3.60 -7.41 -3.82
CA SER B 355 4.04 -7.31 -5.23
C SER B 355 2.89 -7.11 -6.22
N ARG B 356 3.22 -6.66 -7.43
CA ARG B 356 2.22 -6.44 -8.47
C ARG B 356 2.58 -7.28 -9.70
N ILE B 357 3.30 -8.38 -9.47
CA ILE B 357 3.72 -9.28 -10.54
C ILE B 357 3.88 -10.72 -9.99
N MET B 358 3.01 -11.08 -9.03
CA MET B 358 3.05 -12.41 -8.41
C MET B 358 1.93 -13.38 -8.82
N ASP B 359 1.46 -13.28 -10.05
CA ASP B 359 0.39 -14.18 -10.49
C ASP B 359 0.96 -15.44 -11.14
N PRO B 360 0.26 -16.58 -10.98
CA PRO B 360 0.66 -17.88 -11.53
C PRO B 360 1.05 -17.86 -13.01
N ASN B 361 0.76 -16.75 -13.69
CA ASN B 361 1.07 -16.62 -15.10
C ASN B 361 2.52 -16.20 -15.33
N ILE B 362 3.10 -15.52 -14.36
CA ILE B 362 4.48 -15.06 -14.46
C ILE B 362 5.41 -15.69 -13.41
N VAL B 363 4.95 -15.78 -12.16
CA VAL B 363 5.74 -16.37 -11.08
C VAL B 363 5.50 -17.87 -10.94
N GLY B 364 4.27 -18.31 -11.21
CA GLY B 364 3.97 -19.73 -11.12
C GLY B 364 2.83 -20.15 -10.21
N SER B 365 2.08 -21.15 -10.66
CA SER B 365 0.95 -21.71 -9.92
C SER B 365 1.47 -22.49 -8.71
N GLU B 366 2.42 -23.39 -8.96
CA GLU B 366 3.04 -24.19 -7.91
C GLU B 366 3.70 -23.25 -6.90
N HIS B 367 4.66 -22.48 -7.39
CA HIS B 367 5.41 -21.51 -6.58
C HIS B 367 4.52 -20.52 -5.83
N TYR B 368 3.54 -19.92 -6.51
CA TYR B 368 2.68 -18.95 -5.84
C TYR B 368 1.81 -19.68 -4.83
N ASP B 369 1.51 -20.95 -5.09
CA ASP B 369 0.70 -21.72 -4.17
C ASP B 369 1.51 -21.97 -2.90
N VAL B 370 2.73 -22.48 -3.03
CA VAL B 370 3.58 -22.73 -1.87
C VAL B 370 3.89 -21.43 -1.14
N ALA B 371 3.96 -20.33 -1.88
CA ALA B 371 4.21 -19.02 -1.28
C ALA B 371 3.02 -18.73 -0.37
N ARG B 372 1.82 -18.84 -0.94
CA ARG B 372 0.58 -18.62 -0.20
C ARG B 372 0.58 -19.58 1.00
N GLY B 373 0.92 -20.84 0.74
CA GLY B 373 0.96 -21.85 1.77
C GLY B 373 2.05 -21.61 2.79
N VAL B 374 3.12 -20.95 2.37
CA VAL B 374 4.24 -20.63 3.24
C VAL B 374 3.74 -19.58 4.23
N GLN B 375 3.14 -18.54 3.69
CA GLN B 375 2.61 -17.46 4.51
C GLN B 375 1.39 -17.91 5.30
N LYS B 376 0.59 -18.81 4.73
CA LYS B 376 -0.60 -19.35 5.38
C LYS B 376 -0.15 -19.98 6.68
N ILE B 377 0.68 -21.00 6.53
CA ILE B 377 1.22 -21.72 7.66
C ILE B 377 1.92 -20.71 8.55
N LEU B 378 2.56 -19.71 7.93
CA LEU B 378 3.27 -18.66 8.66
C LEU B 378 2.35 -17.79 9.52
N GLN B 379 1.14 -17.53 9.03
CA GLN B 379 0.20 -16.71 9.78
C GLN B 379 -0.23 -17.41 11.07
N ASP B 380 -0.92 -18.54 10.95
CA ASP B 380 -1.33 -19.28 12.14
C ASP B 380 -0.09 -19.61 12.97
N TYR B 381 1.07 -19.53 12.31
CA TYR B 381 2.37 -19.78 12.93
C TYR B 381 2.67 -18.59 13.84
N LYS B 382 2.48 -17.38 13.33
CA LYS B 382 2.73 -16.16 14.09
C LYS B 382 1.85 -16.17 15.34
N SER B 383 0.65 -16.73 15.21
CA SER B 383 -0.27 -16.81 16.34
C SER B 383 0.17 -17.91 17.30
N LEU B 384 0.29 -19.14 16.81
CA LEU B 384 0.67 -20.31 17.63
C LEU B 384 1.95 -20.10 18.43
N GLN B 385 2.96 -19.50 17.78
CA GLN B 385 4.25 -19.23 18.40
C GLN B 385 4.05 -18.58 19.78
N ASP B 386 2.91 -17.94 19.97
CA ASP B 386 2.58 -17.29 21.21
C ASP B 386 1.20 -17.77 21.68
N ILE B 387 0.15 -17.42 20.94
CA ILE B 387 -1.21 -17.82 21.27
C ILE B 387 -1.35 -19.34 21.41
N ILE B 388 -2.26 -19.75 22.29
CA ILE B 388 -2.55 -21.16 22.55
C ILE B 388 -1.45 -21.92 23.31
N ALA B 389 -0.35 -22.23 22.63
CA ALA B 389 0.75 -22.97 23.27
C ALA B 389 1.52 -22.13 24.29
N ILE B 390 1.58 -20.82 24.04
CA ILE B 390 2.28 -19.87 24.90
C ILE B 390 3.78 -20.10 24.85
N LEU B 391 4.43 -19.44 23.89
CA LEU B 391 5.87 -19.55 23.70
C LEU B 391 6.39 -20.96 23.48
N GLY B 392 6.48 -21.72 24.57
CA GLY B 392 6.97 -23.09 24.49
C GLY B 392 6.18 -23.91 23.49
N MET B 393 6.88 -24.45 22.50
CA MET B 393 6.24 -25.28 21.48
C MET B 393 5.82 -26.59 22.12
N ASP B 394 6.00 -27.71 21.43
CA ASP B 394 5.62 -29.01 21.97
C ASP B 394 4.11 -28.95 22.25
N GLU B 395 3.70 -28.96 23.53
CA GLU B 395 2.29 -28.89 23.88
C GLU B 395 1.48 -30.03 23.25
N LEU B 396 0.65 -29.69 22.27
CA LEU B 396 -0.21 -30.63 21.57
C LEU B 396 -0.37 -30.13 20.14
N SER B 397 -1.34 -30.67 19.42
CA SER B 397 -1.63 -30.26 18.04
C SER B 397 -0.42 -30.33 17.10
N GLU B 398 -0.03 -31.54 16.72
CA GLU B 398 1.09 -31.71 15.80
C GLU B 398 0.83 -30.99 14.48
N GLU B 399 -0.43 -30.60 14.24
CA GLU B 399 -0.84 -29.88 13.03
C GLU B 399 -0.06 -28.58 12.97
N ASP B 400 0.03 -27.90 14.11
CA ASP B 400 0.79 -26.65 14.21
C ASP B 400 2.22 -26.97 14.64
N LYS B 401 2.42 -28.14 15.24
CA LYS B 401 3.76 -28.55 15.64
C LYS B 401 4.48 -28.84 14.34
N LEU B 402 3.69 -29.13 13.30
CA LEU B 402 4.19 -29.37 11.97
C LEU B 402 4.69 -28.00 11.52
N THR B 403 3.91 -26.97 11.82
CA THR B 403 4.26 -25.60 11.49
C THR B 403 5.59 -25.25 12.14
N VAL B 404 5.81 -25.75 13.35
CA VAL B 404 7.06 -25.49 14.08
C VAL B 404 8.27 -26.14 13.39
N SER B 405 8.02 -27.02 12.44
CA SER B 405 9.12 -27.65 11.71
C SER B 405 9.15 -27.04 10.31
N ARG B 406 7.97 -26.95 9.70
CA ARG B 406 7.81 -26.39 8.36
C ARG B 406 8.15 -24.92 8.33
N ALA B 407 7.26 -24.08 8.84
CA ALA B 407 7.43 -22.64 8.87
C ALA B 407 8.82 -22.22 9.38
N ARG B 408 9.29 -22.90 10.42
CA ARG B 408 10.60 -22.62 10.98
C ARG B 408 11.66 -22.86 9.91
N LYS B 409 11.69 -24.06 9.35
CA LYS B 409 12.66 -24.37 8.30
C LYS B 409 12.49 -23.38 7.16
N ILE B 410 11.24 -23.02 6.87
CA ILE B 410 10.92 -22.07 5.79
C ILE B 410 11.65 -20.75 6.01
N GLN B 411 11.51 -20.21 7.22
CA GLN B 411 12.15 -18.96 7.57
C GLN B 411 13.65 -19.09 7.24
N ARG B 412 14.22 -20.24 7.58
CA ARG B 412 15.63 -20.50 7.33
C ARG B 412 15.95 -20.52 5.83
N PHE B 413 15.21 -21.33 5.06
CA PHE B 413 15.42 -21.44 3.62
C PHE B 413 15.40 -20.07 2.95
N LEU B 414 14.64 -19.16 3.53
CA LEU B 414 14.51 -17.80 3.00
C LEU B 414 15.55 -16.82 3.55
N SER B 415 16.26 -17.22 4.61
CA SER B 415 17.29 -16.39 5.23
C SER B 415 18.64 -16.49 4.50
N GLN B 416 18.62 -16.14 3.21
CA GLN B 416 19.79 -16.18 2.34
C GLN B 416 20.82 -15.10 2.72
N PRO B 417 21.94 -15.50 3.33
CA PRO B 417 23.03 -14.60 3.77
C PRO B 417 23.69 -13.80 2.64
N PHE B 418 23.88 -14.47 1.50
CA PHE B 418 24.51 -13.89 0.31
C PHE B 418 25.85 -13.15 0.43
N GLN B 419 26.47 -12.91 -0.72
CA GLN B 419 27.78 -12.26 -0.81
C GLN B 419 28.02 -10.99 0.01
N VAL B 420 27.14 -10.00 -0.11
CA VAL B 420 27.29 -8.72 0.58
C VAL B 420 27.54 -8.74 2.09
N ALA B 421 27.27 -9.86 2.75
CA ALA B 421 27.51 -9.99 4.19
C ALA B 421 28.83 -10.71 4.50
N GLU B 422 29.69 -10.82 3.48
CA GLU B 422 30.98 -11.49 3.59
C GLU B 422 31.88 -10.98 4.71
N VAL B 423 31.70 -9.72 5.10
CA VAL B 423 32.51 -9.08 6.14
C VAL B 423 32.23 -9.44 7.62
N PHE B 424 31.24 -10.29 7.88
CA PHE B 424 30.92 -10.66 9.26
C PHE B 424 31.34 -12.07 9.64
N THR B 425 31.34 -12.99 8.68
CA THR B 425 31.70 -14.38 8.96
C THR B 425 32.11 -15.16 7.71
N GLY B 426 32.30 -14.46 6.59
CA GLY B 426 32.68 -15.11 5.35
C GLY B 426 31.90 -16.39 5.13
N HIS B 427 30.59 -16.27 5.11
CA HIS B 427 29.70 -17.41 4.95
C HIS B 427 29.25 -17.63 3.51
N MET B 428 28.83 -18.85 3.21
CA MET B 428 28.37 -19.27 1.89
C MET B 428 27.32 -18.35 1.31
N GLY B 429 27.75 -17.41 0.46
CA GLY B 429 26.85 -16.47 -0.17
C GLY B 429 25.88 -17.19 -1.08
N LYS B 430 24.90 -17.86 -0.49
CA LYS B 430 23.89 -18.63 -1.21
C LYS B 430 23.07 -17.74 -2.13
N LEU B 431 22.67 -18.30 -3.26
CA LEU B 431 21.89 -17.61 -4.28
C LEU B 431 21.40 -18.66 -5.26
N VAL B 432 21.69 -18.46 -6.56
CA VAL B 432 21.29 -19.36 -7.67
C VAL B 432 19.89 -19.04 -8.19
N PRO B 433 19.79 -18.64 -9.48
CA PRO B 433 18.51 -18.32 -10.11
C PRO B 433 17.59 -19.54 -10.17
N LEU B 434 16.70 -19.64 -9.17
CA LEU B 434 15.73 -20.72 -9.04
C LEU B 434 16.37 -22.11 -9.18
N LYS B 435 16.58 -22.54 -10.42
CA LYS B 435 17.19 -23.84 -10.68
C LYS B 435 16.59 -24.97 -9.84
N GLU B 436 17.23 -25.30 -8.73
CA GLU B 436 16.76 -26.39 -7.87
C GLU B 436 15.90 -26.01 -6.67
N THR B 437 15.08 -24.97 -6.87
CA THR B 437 14.17 -24.53 -5.85
C THR B 437 13.00 -25.53 -5.86
N ILE B 438 12.85 -26.21 -6.99
CA ILE B 438 11.82 -27.23 -7.16
C ILE B 438 12.20 -28.40 -6.25
N LYS B 439 11.22 -29.22 -5.89
CA LYS B 439 11.44 -30.38 -5.03
C LYS B 439 11.79 -29.92 -3.61
N GLY B 440 13.02 -29.44 -3.43
CA GLY B 440 13.50 -28.99 -2.14
C GLY B 440 12.51 -28.35 -1.19
N PHE B 441 12.18 -27.09 -1.45
CA PHE B 441 11.24 -26.33 -0.61
C PHE B 441 9.84 -26.92 -0.62
N GLN B 442 9.40 -27.42 -1.78
CA GLN B 442 8.08 -28.01 -1.90
C GLN B 442 7.89 -29.10 -0.85
N GLN B 443 8.95 -29.89 -0.68
CA GLN B 443 8.97 -30.99 0.27
C GLN B 443 8.49 -30.59 1.67
N ILE B 444 9.15 -29.57 2.23
CA ILE B 444 8.85 -29.08 3.58
C ILE B 444 7.36 -29.04 3.92
N LEU B 445 6.64 -28.09 3.32
CA LEU B 445 5.21 -27.90 3.56
C LEU B 445 4.37 -29.16 3.49
N ALA B 446 4.65 -30.01 2.52
CA ALA B 446 3.90 -31.26 2.36
C ALA B 446 4.33 -32.25 3.44
N GLY B 447 5.56 -32.10 3.91
CA GLY B 447 6.09 -32.98 4.94
C GLY B 447 7.27 -33.79 4.44
N ASP B 448 7.46 -33.78 3.13
CA ASP B 448 8.55 -34.53 2.53
C ASP B 448 9.87 -33.91 3.00
N TYR B 449 10.80 -34.75 3.43
CA TYR B 449 12.13 -34.30 3.89
C TYR B 449 12.15 -33.60 5.27
N ASP B 450 11.16 -32.76 5.54
CA ASP B 450 11.09 -32.04 6.81
C ASP B 450 11.09 -32.96 8.03
N HIS B 451 12.00 -32.68 8.97
CA HIS B 451 12.15 -33.41 10.24
C HIS B 451 13.52 -33.27 10.87
N LEU B 452 14.54 -32.98 10.05
CA LEU B 452 15.92 -32.83 10.53
C LEU B 452 16.05 -31.77 11.62
N PRO B 453 16.67 -32.15 12.76
CA PRO B 453 16.94 -31.40 14.00
C PRO B 453 16.87 -29.88 14.01
N GLU B 454 15.70 -29.34 13.69
CA GLU B 454 15.44 -27.90 13.66
C GLU B 454 16.56 -26.97 13.20
N GLN B 455 17.24 -26.31 14.15
CA GLN B 455 18.33 -25.39 13.82
C GLN B 455 19.47 -25.99 13.00
N ALA B 456 19.41 -27.31 12.78
CA ALA B 456 20.42 -27.98 11.98
C ALA B 456 20.34 -27.43 10.57
N PHE B 457 19.24 -26.75 10.28
CA PHE B 457 19.04 -26.15 8.97
C PHE B 457 18.69 -24.69 9.20
N TYR B 458 19.69 -23.91 9.63
CA TYR B 458 19.51 -22.49 9.91
C TYR B 458 20.22 -21.55 8.95
N MET B 459 21.55 -21.61 8.93
CA MET B 459 22.35 -20.75 8.07
C MET B 459 22.62 -21.34 6.69
N VAL B 460 21.55 -21.75 6.01
CA VAL B 460 21.59 -22.34 4.67
C VAL B 460 20.15 -22.54 4.18
N GLY B 461 19.93 -22.40 2.88
CA GLY B 461 18.58 -22.54 2.34
C GLY B 461 18.28 -23.84 1.60
N PRO B 462 19.03 -24.15 0.53
CA PRO B 462 18.86 -25.37 -0.28
C PRO B 462 18.79 -26.66 0.54
N ILE B 463 17.63 -27.28 0.53
CA ILE B 463 17.36 -28.53 1.26
C ILE B 463 18.46 -29.59 1.19
N GLU B 464 19.15 -29.64 0.06
CA GLU B 464 20.22 -30.62 -0.15
C GLU B 464 21.19 -30.59 1.02
N GLU B 465 21.41 -29.38 1.53
CA GLU B 465 22.32 -29.16 2.63
C GLU B 465 21.87 -29.72 3.97
N ALA B 466 20.58 -30.01 4.12
CA ALA B 466 20.06 -30.57 5.38
C ALA B 466 20.85 -31.82 5.75
N VAL B 467 20.95 -32.75 4.80
CA VAL B 467 21.69 -33.99 5.00
C VAL B 467 23.17 -33.66 4.88
N ALA B 468 23.47 -32.67 4.04
CA ALA B 468 24.85 -32.20 3.81
C ALA B 468 25.35 -31.41 5.02
N LYS B 469 24.49 -31.25 6.01
CA LYS B 469 24.81 -30.55 7.25
C LYS B 469 24.66 -31.55 8.39
N ALA B 470 23.75 -32.50 8.22
CA ALA B 470 23.51 -33.53 9.23
C ALA B 470 24.84 -34.18 9.62
N ASP B 471 25.78 -34.19 8.69
CA ASP B 471 27.11 -34.74 8.94
C ASP B 471 27.94 -33.76 9.76
N LYS B 472 27.79 -32.48 9.45
CA LYS B 472 28.50 -31.42 10.16
C LYS B 472 28.11 -31.53 11.63
N LEU B 473 26.80 -31.50 11.88
CA LEU B 473 26.25 -31.60 13.22
C LEU B 473 25.29 -32.80 13.25
N ALA B 474 25.73 -33.91 13.80
CA ALA B 474 24.89 -35.11 13.88
C ALA B 474 24.29 -35.34 15.27
N GLU B 475 23.54 -36.44 15.40
CA GLU B 475 22.89 -36.80 16.66
C GLU B 475 22.24 -38.19 16.63
N GLU B 476 22.78 -39.14 17.39
CA GLU B 476 22.26 -40.50 17.48
C GLU B 476 23.29 -41.44 18.12
N HIS B 477 22.84 -42.65 18.46
CA HIS B 477 23.68 -43.70 19.04
C HIS B 477 22.81 -44.89 19.49
N ARG C 1 -4.68 5.46 26.93
CA ARG C 1 -5.45 4.24 27.31
C ARG C 1 -5.48 3.28 26.15
N ASP C 2 -5.33 1.99 26.45
CA ASP C 2 -5.33 0.91 25.46
C ASP C 2 -4.63 -0.30 26.07
N ILE C 3 -3.34 -0.15 26.34
CA ILE C 3 -2.51 -1.21 26.91
C ILE C 3 -3.04 -1.72 28.25
N THR C 4 -3.77 -0.87 28.97
CA THR C 4 -4.34 -1.23 30.24
C THR C 4 -4.99 -2.61 30.20
N ARG C 5 -5.82 -2.85 29.18
CA ARG C 5 -6.51 -4.13 29.02
C ARG C 5 -5.47 -5.25 28.92
N ARG C 6 -4.48 -5.02 28.06
CA ARG C 6 -3.41 -5.99 27.83
C ARG C 6 -2.64 -6.23 29.12
N LEU C 7 -2.60 -5.21 29.98
CA LEU C 7 -1.91 -5.29 31.26
C LEU C 7 -2.80 -5.90 32.35
N LYS C 8 -4.11 -5.85 32.12
CA LYS C 8 -5.07 -6.40 33.07
C LYS C 8 -4.97 -7.92 33.06
N SER C 9 -5.04 -8.50 31.86
CA SER C 9 -4.97 -9.95 31.69
C SER C 9 -3.81 -10.55 32.47
N ILE C 10 -2.61 -10.02 32.23
CA ILE C 10 -1.40 -10.49 32.91
C ILE C 10 -1.61 -10.47 34.43
N LYS C 11 -1.98 -9.29 34.94
CA LYS C 11 -2.19 -9.12 36.38
C LYS C 11 -3.25 -10.09 36.90
N ASN C 12 -4.19 -10.45 36.02
CA ASN C 12 -5.27 -11.37 36.37
C ASN C 12 -4.71 -12.78 36.45
N ILE C 13 -3.71 -13.07 35.62
CA ILE C 13 -3.06 -14.37 35.59
C ILE C 13 -2.15 -14.54 36.81
N GLN C 14 -1.59 -13.43 37.29
CA GLN C 14 -0.71 -13.43 38.45
C GLN C 14 -1.34 -14.08 39.67
N LYS C 15 -2.34 -13.40 40.25
CA LYS C 15 -3.04 -13.88 41.44
C LYS C 15 -3.14 -15.40 41.55
N ILE C 16 -3.79 -16.01 40.57
CA ILE C 16 -3.99 -17.45 40.53
C ILE C 16 -2.68 -18.23 40.43
N THR C 17 -1.87 -17.91 39.42
CA THR C 17 -0.60 -18.60 39.21
C THR C 17 0.43 -18.32 40.29
N LYS C 18 0.77 -17.04 40.48
CA LYS C 18 1.76 -16.62 41.47
C LYS C 18 1.49 -17.14 42.89
N SER C 19 0.22 -17.27 43.25
CA SER C 19 -0.13 -17.77 44.58
C SER C 19 0.11 -19.28 44.63
N MET C 20 -0.40 -19.99 43.63
CA MET C 20 -0.23 -21.44 43.56
C MET C 20 1.25 -21.79 43.55
N LYS C 21 2.09 -20.82 43.16
CA LYS C 21 3.54 -20.99 43.13
C LYS C 21 4.04 -21.49 44.49
N MET C 22 3.46 -20.95 45.55
CA MET C 22 3.82 -21.34 46.90
C MET C 22 3.34 -22.76 47.16
N VAL C 23 2.16 -23.07 46.65
CA VAL C 23 1.58 -24.40 46.81
C VAL C 23 2.48 -25.43 46.13
N ALA C 24 3.14 -25.01 45.05
CA ALA C 24 4.05 -25.87 44.27
C ALA C 24 5.01 -26.64 45.17
N ALA C 25 5.45 -26.01 46.26
CA ALA C 25 6.34 -26.65 47.20
C ALA C 25 5.52 -27.30 48.30
N ALA C 26 4.38 -26.68 48.63
CA ALA C 26 3.51 -27.17 49.68
C ALA C 26 3.13 -28.64 49.48
N LYS C 27 2.73 -29.00 48.27
CA LYS C 27 2.35 -30.38 47.98
C LYS C 27 3.46 -31.35 48.37
N TYR C 28 4.71 -30.93 48.18
CA TYR C 28 5.85 -31.77 48.51
C TYR C 28 5.89 -32.06 50.01
N ALA C 29 5.71 -31.03 50.82
CA ALA C 29 5.73 -31.17 52.27
C ALA C 29 4.71 -32.22 52.71
N ARG C 30 3.52 -32.16 52.12
CA ARG C 30 2.45 -33.09 52.43
C ARG C 30 2.62 -34.38 51.61
N ALA C 31 3.74 -35.07 51.82
CA ALA C 31 4.01 -36.31 51.10
C ALA C 31 5.21 -37.05 51.67
N GLU C 32 6.35 -36.38 51.71
CA GLU C 32 7.58 -37.00 52.19
C GLU C 32 7.54 -37.60 53.60
N ARG C 33 6.92 -36.90 54.54
CA ARG C 33 6.82 -37.36 55.93
C ARG C 33 6.45 -38.84 56.07
N GLU C 34 5.64 -39.34 55.14
CA GLU C 34 5.23 -40.75 55.18
C GLU C 34 5.81 -41.58 54.03
N LEU C 35 6.06 -40.94 52.90
CA LEU C 35 6.62 -41.64 51.74
C LEU C 35 8.01 -42.22 51.99
N LYS C 36 8.87 -41.46 52.66
CA LYS C 36 10.23 -41.91 52.91
C LYS C 36 10.48 -43.33 53.43
N PRO C 37 9.88 -43.70 54.58
CA PRO C 37 10.10 -45.07 55.09
C PRO C 37 9.85 -46.17 54.06
N ALA C 38 8.97 -45.88 53.09
CA ALA C 38 8.61 -46.84 52.07
C ALA C 38 9.53 -46.84 50.85
N ARG C 39 10.37 -45.81 50.72
CA ARG C 39 11.28 -45.71 49.60
C ARG C 39 12.67 -46.30 49.86
N VAL C 40 13.43 -46.46 48.78
CA VAL C 40 14.80 -46.99 48.82
C VAL C 40 14.91 -48.36 49.51
N TYR C 41 15.50 -48.39 50.70
CA TYR C 41 15.67 -49.64 51.44
C TYR C 41 14.53 -49.90 52.42
N GLY C 42 13.60 -48.96 52.52
CA GLY C 42 12.48 -49.13 53.43
C GLY C 42 11.52 -50.21 52.98
N THR C 43 11.73 -50.70 51.75
CA THR C 43 10.90 -51.75 51.20
C THR C 43 11.75 -52.88 50.61
N GLY C 44 12.47 -52.56 49.53
CA GLY C 44 13.31 -53.54 48.87
C GLY C 44 14.46 -54.12 49.66
N SER C 45 15.45 -54.61 48.92
CA SER C 45 16.65 -55.24 49.46
C SER C 45 16.29 -56.63 50.00
N LEU C 74 -1.19 -22.17 32.87
CA LEU C 74 -1.18 -23.53 32.24
C LEU C 74 -0.87 -24.57 33.31
N CYS C 75 -0.45 -25.76 32.90
CA CYS C 75 -0.13 -26.83 33.85
C CYS C 75 1.13 -27.58 33.45
N GLY C 76 2.20 -26.84 33.17
CA GLY C 76 3.45 -27.45 32.76
C GLY C 76 3.26 -28.43 31.62
N ALA C 77 3.78 -29.64 31.80
CA ALA C 77 3.68 -30.71 30.79
C ALA C 77 4.30 -32.02 31.27
N ILE C 78 4.49 -32.18 32.58
CA ILE C 78 5.09 -33.40 33.11
C ILE C 78 4.16 -34.62 33.01
N HIS C 79 2.89 -34.41 33.30
CA HIS C 79 1.89 -35.49 33.23
C HIS C 79 1.54 -35.84 31.79
N SER C 80 2.55 -36.15 30.98
CA SER C 80 2.33 -36.48 29.58
C SER C 80 3.32 -37.50 29.00
N SER C 81 4.62 -37.25 29.13
CA SER C 81 5.65 -38.13 28.59
C SER C 81 5.44 -39.62 28.89
N VAL C 82 4.87 -39.92 30.04
CA VAL C 82 4.62 -41.30 30.42
C VAL C 82 3.46 -41.92 29.63
N ALA C 83 2.34 -41.20 29.54
CA ALA C 83 1.15 -41.69 28.84
C ALA C 83 1.35 -41.95 27.34
N LYS C 84 2.10 -41.09 26.67
CA LYS C 84 2.32 -41.25 25.23
C LYS C 84 3.17 -42.47 24.84
N GLN C 85 3.73 -43.17 25.83
CA GLN C 85 4.57 -44.34 25.58
C GLN C 85 3.82 -45.66 25.43
N MET C 86 2.66 -45.62 24.78
CA MET C 86 1.88 -46.84 24.57
C MET C 86 1.99 -47.22 23.10
N LYS C 87 3.07 -46.77 22.48
CA LYS C 87 3.38 -47.02 21.09
C LYS C 87 4.90 -46.93 20.95
N LEU C 206 -5.09 -53.80 45.27
CA LEU C 206 -3.90 -54.51 45.80
C LEU C 206 -2.80 -53.48 46.02
N ALA C 207 -2.66 -53.05 47.28
CA ALA C 207 -1.70 -52.02 47.68
C ALA C 207 -0.21 -52.35 47.60
N ASN C 208 0.32 -52.49 46.40
CA ASN C 208 1.74 -52.79 46.20
C ASN C 208 2.33 -51.86 45.14
N ILE C 209 2.48 -52.33 43.91
CA ILE C 209 3.00 -51.48 42.84
C ILE C 209 2.06 -50.29 42.64
N ILE C 210 0.75 -50.57 42.59
CA ILE C 210 -0.28 -49.53 42.38
C ILE C 210 -0.24 -48.36 43.37
N TYR C 211 0.35 -48.56 44.54
CA TYR C 211 0.44 -47.48 45.52
C TYR C 211 1.85 -46.91 45.56
N TYR C 212 2.84 -47.79 45.56
CA TYR C 212 4.25 -47.38 45.57
C TYR C 212 4.54 -46.49 44.37
N SER C 213 4.04 -46.90 43.21
CA SER C 213 4.25 -46.13 41.98
C SER C 213 3.52 -44.79 42.11
N LEU C 214 2.22 -44.84 42.44
CA LEU C 214 1.43 -43.63 42.59
C LEU C 214 2.04 -42.68 43.59
N LYS C 215 2.55 -43.21 44.70
CA LYS C 215 3.18 -42.39 45.74
C LYS C 215 4.31 -41.56 45.16
N GLU C 216 5.10 -42.17 44.28
CA GLU C 216 6.22 -41.48 43.65
C GLU C 216 5.72 -40.68 42.44
N SER C 217 4.62 -41.13 41.87
CA SER C 217 4.03 -40.45 40.72
C SER C 217 3.25 -39.21 41.14
N THR C 218 2.74 -39.21 42.37
CA THR C 218 1.98 -38.08 42.90
C THR C 218 2.81 -36.81 42.71
N THR C 219 4.06 -36.88 43.17
CA THR C 219 4.97 -35.75 43.04
C THR C 219 5.20 -35.48 41.55
N SER C 220 5.44 -36.54 40.78
CA SER C 220 5.67 -36.43 39.33
C SER C 220 4.57 -35.63 38.63
N GLU C 221 3.33 -35.86 39.06
CA GLU C 221 2.18 -35.18 38.49
C GLU C 221 2.07 -33.75 39.02
N GLN C 222 2.08 -33.58 40.34
CA GLN C 222 1.97 -32.26 40.94
C GLN C 222 3.05 -31.30 40.41
N SER C 223 4.18 -31.86 39.99
CA SER C 223 5.28 -31.05 39.46
C SER C 223 4.82 -30.12 38.35
N ALA C 224 3.68 -30.45 37.74
CA ALA C 224 3.09 -29.64 36.69
C ALA C 224 2.86 -28.24 37.25
N ARG C 225 2.30 -28.18 38.45
CA ARG C 225 2.03 -26.90 39.09
C ARG C 225 3.32 -26.13 39.33
N MET C 226 4.35 -26.81 39.81
CA MET C 226 5.64 -26.19 40.07
C MET C 226 6.09 -25.36 38.86
N THR C 227 6.18 -26.00 37.71
CA THR C 227 6.59 -25.32 36.48
C THR C 227 5.52 -24.35 36.00
N ALA C 228 4.25 -24.72 36.16
CA ALA C 228 3.13 -23.90 35.73
C ALA C 228 3.10 -22.56 36.48
N MET C 229 3.58 -22.56 37.72
CA MET C 229 3.61 -21.37 38.54
C MET C 229 5.02 -20.79 38.65
N ASP C 230 5.98 -21.47 38.04
CA ASP C 230 7.35 -20.99 38.01
C ASP C 230 7.71 -20.69 36.57
N ASN C 231 7.93 -21.73 35.78
CA ASN C 231 8.30 -21.56 34.38
C ASN C 231 7.32 -20.70 33.58
N ALA C 232 6.02 -20.90 33.82
CA ALA C 232 5.00 -20.13 33.12
C ALA C 232 4.84 -18.70 33.64
N SER C 233 5.45 -18.41 34.80
CA SER C 233 5.38 -17.07 35.37
C SER C 233 6.65 -16.28 35.05
N LYS C 234 7.79 -16.95 35.10
CA LYS C 234 9.08 -16.33 34.82
C LYS C 234 9.11 -15.76 33.42
N ASN C 235 8.57 -16.51 32.47
CA ASN C 235 8.53 -16.08 31.07
C ASN C 235 7.43 -15.04 30.86
N ALA C 236 6.26 -15.27 31.49
CA ALA C 236 5.13 -14.36 31.35
C ALA C 236 5.31 -13.00 32.02
N SER C 237 5.89 -12.97 33.22
CA SER C 237 6.08 -11.72 33.96
C SER C 237 6.86 -10.68 33.16
N ASP C 238 7.79 -11.12 32.33
CA ASP C 238 8.59 -10.22 31.50
C ASP C 238 7.65 -9.32 30.73
N MET C 239 6.50 -9.88 30.35
CA MET C 239 5.46 -9.18 29.60
C MET C 239 4.95 -7.94 30.35
N ILE C 240 4.87 -8.03 31.68
CA ILE C 240 4.41 -6.92 32.51
C ILE C 240 5.32 -5.71 32.33
N ASP C 241 6.60 -5.90 32.60
CA ASP C 241 7.58 -4.84 32.46
C ASP C 241 7.62 -4.28 31.04
N LYS C 242 7.44 -5.15 30.05
CA LYS C 242 7.43 -4.73 28.65
C LYS C 242 6.21 -3.84 28.40
N LEU C 243 5.01 -4.44 28.49
CA LEU C 243 3.77 -3.70 28.28
C LEU C 243 3.71 -2.40 29.09
N THR C 244 4.24 -2.44 30.32
CA THR C 244 4.25 -1.27 31.19
C THR C 244 5.13 -0.17 30.60
N LEU C 245 6.38 -0.50 30.28
CA LEU C 245 7.30 0.47 29.71
C LEU C 245 6.74 0.97 28.37
N THR C 246 6.00 0.10 27.69
CA THR C 246 5.39 0.46 26.43
C THR C 246 4.22 1.40 26.69
N PHE C 247 3.53 1.21 27.81
CA PHE C 247 2.40 2.08 28.16
C PHE C 247 2.98 3.48 28.23
N ASN C 248 4.01 3.63 29.06
CA ASN C 248 4.65 4.91 29.25
C ASN C 248 5.25 5.45 27.94
N ARG C 249 5.25 4.64 26.89
CA ARG C 249 5.76 5.09 25.59
C ARG C 249 4.63 5.78 24.82
N THR C 250 3.46 5.14 24.76
CA THR C 250 2.33 5.73 24.07
C THR C 250 1.46 6.52 25.04
N ARG C 251 1.99 6.77 26.22
CA ARG C 251 1.33 7.59 27.23
C ARG C 251 1.93 8.95 26.91
N GLN C 252 3.27 8.97 26.85
CA GLN C 252 4.04 10.15 26.50
C GLN C 252 3.69 10.57 25.08
N ALA C 253 3.70 9.58 24.18
CA ALA C 253 3.40 9.81 22.77
C ALA C 253 2.17 10.68 22.58
N VAL C 254 1.00 10.13 22.94
CA VAL C 254 -0.26 10.87 22.78
C VAL C 254 -0.12 12.28 23.34
N ILE C 255 0.44 12.39 24.54
CA ILE C 255 0.66 13.66 25.21
C ILE C 255 1.51 14.60 24.34
N THR C 256 2.46 14.02 23.60
CA THR C 256 3.34 14.80 22.72
C THR C 256 2.95 14.66 21.25
N LYS C 257 1.73 14.18 21.01
CA LYS C 257 1.21 14.01 19.66
C LYS C 257 0.13 15.07 19.49
N GLU C 258 -0.93 14.97 20.28
CA GLU C 258 -2.05 15.91 20.24
C GLU C 258 -1.57 17.32 20.59
N LEU C 259 -0.54 17.38 21.42
CA LEU C 259 0.06 18.65 21.84
C LEU C 259 0.53 19.41 20.61
N ILE C 260 0.99 18.66 19.61
CA ILE C 260 1.47 19.26 18.38
C ILE C 260 0.31 19.99 17.73
N GLU C 261 -0.79 19.28 17.53
CA GLU C 261 -1.99 19.82 16.89
C GLU C 261 -2.48 21.11 17.53
N ILE C 262 -2.55 21.11 18.86
CA ILE C 262 -3.01 22.26 19.63
C ILE C 262 -2.25 23.51 19.23
N ILE C 263 -0.94 23.38 19.08
CA ILE C 263 -0.11 24.52 18.71
C ILE C 263 0.00 24.66 17.19
N SER C 264 -0.22 23.57 16.46
CA SER C 264 -0.14 23.56 15.00
C SER C 264 -1.02 24.63 14.41
N GLY C 265 -2.06 25.01 15.17
CA GLY C 265 -2.95 26.06 14.73
C GLY C 265 -2.70 27.32 15.54
N ALA C 266 -2.68 27.16 16.85
CA ALA C 266 -2.47 28.26 17.79
C ALA C 266 -1.37 29.26 17.44
N ALA C 267 -0.13 28.77 17.36
CA ALA C 267 1.04 29.61 17.10
C ALA C 267 1.12 30.43 15.80
N ALA C 268 0.47 29.98 14.73
CA ALA C 268 0.51 30.71 13.45
C ALA C 268 -0.84 31.32 13.10
N LEU C 269 -0.91 32.65 13.08
CA LEU C 269 -2.17 33.32 12.78
C LEU C 269 -1.93 34.64 12.03
N ASP C 270 -1.73 35.72 12.78
CA ASP C 270 -1.49 37.04 12.22
C ASP C 270 -0.43 37.73 13.10
#